data_5I5W
#
_entry.id   5I5W
#
_cell.length_a   68.990
_cell.length_b   105.700
_cell.length_c   107.600
_cell.angle_alpha   90.000
_cell.angle_beta   90.000
_cell.angle_gamma   90.000
#
_symmetry.space_group_name_H-M   'P 21 21 21'
#
loop_
_entity.id
_entity.type
_entity.pdbx_description
1 polymer 'Branched-chain-amino-acid aminotransferase, mitochondrial'
2 non-polymer N-(pyrimidin-5-yl)benzamide
3 non-polymer "PYRIDOXAL-5'-PHOSPHATE"
4 non-polymer 'CHLORIDE ION'
5 non-polymer 1,2-ETHANEDIOL
6 non-polymer GLYCEROL
7 water water
#
_entity_poly.entity_id   1
_entity_poly.type   'polypeptide(L)'
_entity_poly.pdbx_seq_one_letter_code
;GSHMASSSFKAADLQLEMTQKPHKKPGPGEPLVFGKTFTDHMLMVEWNDKGWGQPRIQPFQNLTLHPASSSLHYSLQLFE
GMKAFKGKDQQVRLFRPWLNMDRMLRSAMRLCLPSFDKLELLECIRRLIEVDKDWVPDAAGTSLYVRPVLIGNEPSLGVS
QPTRALLFVILCPVGAYFPGGSVTPVSLLADPAFIRAWVGGVGNYKLGGNYGPTVLVQQEALKRGCEQVLWLYGPDHQLT
EVGTMNIFVYWTHEDGVLELVTPPLNGVILPGVVRQSLLDMAQTWGEFRVVERTITMKQLLRALEEGRVREVFGSGTACQ
VCPVHRILYKDRNLHIPTMENGPELILRFQKELKEIQYGIRAHEWMFPV
;
_entity_poly.pdbx_strand_id   A,B
#
loop_
_chem_comp.id
_chem_comp.type
_chem_comp.name
_chem_comp.formula
68B non-polymer N-(pyrimidin-5-yl)benzamide 'C11 H9 N3 O'
CL non-polymer 'CHLORIDE ION' 'Cl -1'
EDO non-polymer 1,2-ETHANEDIOL 'C2 H6 O2'
GOL non-polymer GLYCEROL 'C3 H8 O3'
PLP non-polymer PYRIDOXAL-5'-PHOSPHATE 'C8 H10 N O6 P'
#
# COMPACT_ATOMS: atom_id res chain seq x y z
N SER A 7 18.60 -14.69 13.03
CA SER A 7 17.88 -15.91 13.51
C SER A 7 16.66 -16.21 12.66
N SER A 8 16.12 -17.42 12.85
CA SER A 8 14.95 -17.87 12.14
C SER A 8 14.20 -18.93 12.91
N PHE A 9 12.90 -19.01 12.62
CA PHE A 9 12.04 -20.06 13.15
C PHE A 9 12.48 -21.35 12.48
N LYS A 10 12.22 -22.48 13.12
CA LYS A 10 12.67 -23.77 12.60
C LYS A 10 11.50 -24.75 12.63
N ALA A 11 11.42 -25.54 11.58
CA ALA A 11 10.37 -26.52 11.42
C ALA A 11 10.42 -27.54 12.55
N ALA A 12 11.63 -27.87 12.99
CA ALA A 12 11.80 -28.82 14.08
C ALA A 12 11.13 -28.37 15.38
N ASP A 13 10.96 -27.05 15.55
CA ASP A 13 10.28 -26.48 16.73
C ASP A 13 8.77 -26.35 16.57
N LEU A 14 8.23 -26.83 15.45
CA LEU A 14 6.80 -26.74 15.17
C LEU A 14 5.90 -27.38 16.21
N GLN A 15 4.84 -26.67 16.59
N GLN A 15 4.86 -26.65 16.63
CA GLN A 15 3.87 -27.22 17.52
CA GLN A 15 3.86 -27.22 17.52
C GLN A 15 2.53 -27.37 16.81
C GLN A 15 2.58 -27.40 16.74
N LEU A 16 1.94 -28.55 16.93
CA LEU A 16 0.69 -28.89 16.25
C LEU A 16 -0.50 -28.83 17.20
N GLU A 17 -1.50 -28.05 16.82
CA GLU A 17 -2.80 -28.04 17.49
C GLU A 17 -3.81 -28.44 16.42
N MET A 18 -4.27 -29.68 16.47
CA MET A 18 -5.21 -30.14 15.48
C MET A 18 -6.57 -29.59 15.80
N THR A 19 -7.35 -29.35 14.76
CA THR A 19 -8.64 -28.73 14.90
C THR A 19 -9.56 -29.71 15.55
N GLN A 20 -10.50 -29.15 16.31
CA GLN A 20 -11.52 -29.91 16.96
C GLN A 20 -12.82 -29.69 16.22
N LYS A 21 -12.81 -28.82 15.20
CA LYS A 21 -14.05 -28.47 14.50
C LYS A 21 -13.82 -28.37 12.99
N PRO A 22 -13.65 -29.53 12.33
CA PRO A 22 -13.37 -29.57 10.89
C PRO A 22 -14.49 -28.99 10.04
N HIS A 23 -14.15 -28.14 9.07
CA HIS A 23 -15.15 -27.56 8.16
C HIS A 23 -15.60 -28.67 7.21
N LYS A 24 -16.86 -28.62 6.77
CA LYS A 24 -17.33 -29.51 5.70
C LYS A 24 -16.49 -29.17 4.47
N LYS A 25 -15.96 -30.18 3.77
CA LYS A 25 -15.20 -29.93 2.54
C LYS A 25 -16.17 -29.54 1.40
N PRO A 26 -15.67 -28.86 0.36
CA PRO A 26 -16.57 -28.33 -0.68
C PRO A 26 -17.36 -29.41 -1.43
N GLY A 27 -18.66 -29.19 -1.55
CA GLY A 27 -19.55 -30.15 -2.20
C GLY A 27 -19.68 -29.97 -3.71
N PRO A 28 -20.05 -31.06 -4.43
CA PRO A 28 -20.16 -31.01 -5.89
C PRO A 28 -21.34 -30.17 -6.36
N PRO A 31 -19.35 -26.03 -6.37
CA PRO A 31 -19.08 -24.67 -6.86
C PRO A 31 -17.96 -23.96 -6.08
N LEU A 32 -16.77 -23.86 -6.69
CA LEU A 32 -15.55 -23.28 -6.05
C LEU A 32 -15.07 -21.93 -6.61
N VAL A 33 -15.66 -20.84 -6.09
CA VAL A 33 -15.22 -19.49 -6.41
C VAL A 33 -13.86 -19.32 -5.74
N PHE A 34 -12.89 -18.72 -6.44
CA PHE A 34 -11.53 -18.61 -5.87
C PHE A 34 -11.45 -17.75 -4.62
N GLY A 35 -10.63 -18.21 -3.67
CA GLY A 35 -10.30 -17.46 -2.47
C GLY A 35 -11.33 -17.27 -1.37
N LYS A 36 -12.47 -17.99 -1.42
CA LYS A 36 -13.46 -17.90 -0.33
C LYS A 36 -13.49 -19.10 0.62
N THR A 37 -13.02 -20.26 0.15
CA THR A 37 -13.05 -21.49 0.93
C THR A 37 -11.68 -21.82 1.46
N PHE A 38 -11.59 -21.99 2.78
CA PHE A 38 -10.31 -22.24 3.39
C PHE A 38 -10.29 -23.61 4.03
N THR A 39 -9.08 -24.13 4.22
CA THR A 39 -8.88 -25.42 4.84
C THR A 39 -8.99 -25.27 6.35
N ASP A 40 -8.84 -26.38 7.08
CA ASP A 40 -9.05 -26.39 8.53
C ASP A 40 -7.95 -25.77 9.33
N HIS A 41 -6.74 -25.74 8.78
CA HIS A 41 -5.60 -25.28 9.52
C HIS A 41 -4.83 -24.14 8.87
N MET A 42 -3.95 -23.55 9.65
CA MET A 42 -3.12 -22.44 9.20
C MET A 42 -1.81 -22.49 9.92
N LEU A 43 -0.80 -21.86 9.32
CA LEU A 43 0.52 -21.71 9.94
C LEU A 43 0.60 -20.34 10.58
N MET A 44 1.29 -20.23 11.72
CA MET A 44 1.34 -18.97 12.46
C MET A 44 2.66 -18.84 13.16
N VAL A 45 3.42 -17.81 12.81
CA VAL A 45 4.74 -17.52 13.43
C VAL A 45 4.80 -16.03 13.74
N GLU A 46 5.29 -15.69 14.92
CA GLU A 46 5.44 -14.31 15.36
C GLU A 46 6.88 -13.94 15.60
N TRP A 47 7.16 -12.68 15.33
CA TRP A 47 8.44 -12.06 15.57
C TRP A 47 8.22 -10.90 16.56
N ASN A 48 9.19 -10.68 17.43
CA ASN A 48 9.16 -9.56 18.38
C ASN A 48 10.59 -9.21 18.78
N ASP A 49 10.76 -8.44 19.85
CA ASP A 49 12.11 -8.05 20.28
C ASP A 49 12.95 -9.26 20.73
N LYS A 50 12.32 -10.41 20.98
CA LYS A 50 13.05 -11.65 21.33
C LYS A 50 13.44 -12.48 20.10
N GLY A 51 13.07 -12.03 18.90
CA GLY A 51 13.30 -12.78 17.67
C GLY A 51 12.08 -13.58 17.24
N TRP A 52 12.30 -14.56 16.36
CA TRP A 52 11.21 -15.40 15.89
C TRP A 52 10.79 -16.39 16.95
N GLY A 53 9.50 -16.43 17.25
CA GLY A 53 8.95 -17.44 18.14
C GLY A 53 8.81 -18.76 17.39
N GLN A 54 8.22 -19.75 18.05
CA GLN A 54 8.07 -21.06 17.44
C GLN A 54 6.86 -21.07 16.49
N PRO A 55 7.01 -21.73 15.34
CA PRO A 55 5.92 -21.84 14.41
C PRO A 55 4.85 -22.80 14.94
N ARG A 56 3.58 -22.45 14.69
CA ARG A 56 2.41 -23.28 15.00
C ARG A 56 1.58 -23.61 13.75
N ILE A 57 1.20 -24.88 13.62
CA ILE A 57 0.16 -25.23 12.67
C ILE A 57 -1.05 -25.35 13.59
N GLN A 58 -2.09 -24.57 13.33
CA GLN A 58 -3.20 -24.52 14.26
C GLN A 58 -4.52 -24.34 13.53
N PRO A 59 -5.64 -24.55 14.24
CA PRO A 59 -6.94 -24.40 13.60
C PRO A 59 -7.11 -23.04 12.94
N PHE A 60 -7.60 -23.02 11.72
CA PHE A 60 -7.91 -21.78 11.03
C PHE A 60 -8.70 -20.94 12.01
N GLN A 61 -8.16 -19.77 12.35
CA GLN A 61 -8.81 -18.87 13.29
C GLN A 61 -8.51 -17.42 12.95
N ASN A 62 -9.31 -16.53 13.55
CA ASN A 62 -9.16 -15.08 13.39
C ASN A 62 -7.87 -14.57 13.98
N LEU A 63 -7.40 -13.45 13.43
CA LEU A 63 -6.24 -12.75 13.99
C LEU A 63 -6.73 -11.71 14.99
N THR A 64 -5.91 -11.50 16.01
CA THR A 64 -6.19 -10.54 17.05
C THR A 64 -5.08 -9.50 16.92
N LEU A 65 -5.47 -8.29 16.52
CA LEU A 65 -4.54 -7.22 16.24
C LEU A 65 -4.82 -5.93 16.98
N HIS A 66 -3.77 -5.30 17.48
CA HIS A 66 -3.81 -3.97 18.10
C HIS A 66 -4.27 -2.96 17.05
N PRO A 67 -5.17 -2.04 17.41
CA PRO A 67 -5.72 -1.04 16.47
C PRO A 67 -4.70 -0.13 15.85
N ALA A 68 -3.55 -0.02 16.46
CA ALA A 68 -2.45 0.75 15.94
C ALA A 68 -1.49 -0.07 15.06
N SER A 69 -1.75 -1.36 14.88
CA SER A 69 -0.85 -2.25 14.08
C SER A 69 -0.38 -1.60 12.78
N SER A 70 0.93 -1.51 12.58
CA SER A 70 1.48 -0.89 11.35
C SER A 70 1.02 -1.59 10.04
N SER A 71 0.48 -2.79 10.18
CA SER A 71 -0.05 -3.55 9.05
C SER A 71 -1.27 -2.90 8.46
N LEU A 72 -2.00 -2.20 9.33
CA LEU A 72 -3.28 -1.58 8.99
C LEU A 72 -3.24 -0.09 8.68
N HIS A 73 -2.22 0.59 9.16
CA HIS A 73 -2.05 2.02 8.95
C HIS A 73 -1.02 2.31 7.86
N TYR A 74 0.11 1.59 7.83
CA TYR A 74 1.14 1.89 6.86
C TYR A 74 1.48 0.77 5.88
N SER A 75 0.53 -0.14 5.69
CA SER A 75 0.58 -1.17 4.69
C SER A 75 1.88 -1.96 4.78
N LEU A 76 2.29 -2.23 6.01
CA LEU A 76 3.44 -3.08 6.25
C LEU A 76 2.97 -4.51 6.07
N GLN A 77 2.67 -4.83 4.81
CA GLN A 77 2.21 -6.13 4.44
C GLN A 77 2.75 -6.63 3.08
N LEU A 78 2.90 -7.94 2.98
CA LEU A 78 3.24 -8.57 1.73
C LEU A 78 2.64 -9.96 1.71
N PHE A 79 2.47 -10.49 0.51
CA PHE A 79 1.96 -11.82 0.37
C PHE A 79 2.69 -12.61 -0.69
N GLU A 80 2.38 -13.90 -0.71
CA GLU A 80 2.84 -14.77 -1.74
C GLU A 80 1.66 -15.57 -2.22
N GLY A 81 1.87 -16.26 -3.32
CA GLY A 81 0.81 -17.03 -3.93
C GLY A 81 1.38 -18.15 -4.74
N MET A 82 1.01 -19.39 -4.38
CA MET A 82 1.47 -20.57 -5.10
C MET A 82 0.53 -21.76 -4.98
N LYS A 83 0.62 -22.68 -5.94
CA LYS A 83 -0.27 -23.83 -5.99
C LYS A 83 0.40 -25.18 -5.69
N ALA A 84 -0.37 -26.04 -5.02
CA ALA A 84 0.02 -27.42 -4.80
C ALA A 84 -0.90 -28.23 -5.68
N PHE A 85 -0.33 -29.21 -6.36
CA PHE A 85 -1.09 -30.07 -7.26
C PHE A 85 -1.02 -31.51 -6.79
N LYS A 86 -2.19 -32.18 -6.82
CA LYS A 86 -2.26 -33.61 -6.49
C LYS A 86 -2.33 -34.43 -7.77
N GLY A 87 -1.39 -35.36 -7.94
CA GLY A 87 -1.35 -36.24 -9.13
C GLY A 87 -2.34 -37.42 -9.09
N LYS A 88 -2.22 -38.30 -10.08
CA LYS A 88 -3.11 -39.49 -10.20
C LYS A 88 -3.00 -40.39 -8.96
N ASP A 89 -1.76 -40.57 -8.51
CA ASP A 89 -1.46 -41.45 -7.38
C ASP A 89 -1.66 -40.80 -6.01
N GLN A 90 -2.27 -39.62 -5.99
CA GLN A 90 -2.57 -38.90 -4.74
C GLN A 90 -1.38 -38.25 -4.06
N GLN A 91 -0.26 -38.16 -4.77
CA GLN A 91 0.91 -37.48 -4.28
C GLN A 91 0.69 -35.98 -4.55
N VAL A 92 1.02 -35.14 -3.58
CA VAL A 92 0.84 -33.69 -3.71
C VAL A 92 2.16 -32.99 -3.91
N ARG A 93 2.19 -32.01 -4.80
CA ARG A 93 3.44 -31.34 -5.11
C ARG A 93 3.30 -29.83 -5.26
N LEU A 94 4.30 -29.11 -4.79
CA LEU A 94 4.35 -27.66 -4.92
C LEU A 94 5.11 -27.27 -6.18
N PHE A 95 4.65 -26.25 -6.89
CA PHE A 95 5.36 -25.80 -8.09
C PHE A 95 6.40 -24.73 -7.77
N ARG A 96 7.68 -25.08 -7.94
CA ARG A 96 8.84 -24.16 -7.81
C ARG A 96 8.73 -23.23 -6.61
N PRO A 97 8.37 -23.78 -5.43
CA PRO A 97 8.08 -22.97 -4.25
C PRO A 97 9.26 -22.12 -3.80
N TRP A 98 10.49 -22.59 -4.07
CA TRP A 98 11.73 -21.88 -3.70
C TRP A 98 11.72 -20.44 -4.24
N LEU A 99 11.24 -20.27 -5.46
CA LEU A 99 11.18 -18.97 -6.09
C LEU A 99 10.14 -18.07 -5.41
N ASN A 100 9.03 -18.66 -4.97
CA ASN A 100 8.05 -17.91 -4.15
C ASN A 100 8.68 -17.47 -2.84
N MET A 101 9.55 -18.32 -2.28
CA MET A 101 10.20 -18.00 -1.03
C MET A 101 11.26 -16.92 -1.25
N ASP A 102 12.01 -17.00 -2.35
CA ASP A 102 12.99 -15.95 -2.68
C ASP A 102 12.27 -14.60 -2.80
N ARG A 103 11.12 -14.63 -3.45
CA ARG A 103 10.34 -13.42 -3.70
C ARG A 103 9.70 -12.91 -2.40
N MET A 104 9.33 -13.80 -1.49
CA MET A 104 8.81 -13.34 -0.20
C MET A 104 9.89 -12.65 0.66
N LEU A 105 11.12 -13.14 0.58
CA LEU A 105 12.18 -12.54 1.37
C LEU A 105 12.57 -11.16 0.81
N ARG A 106 12.52 -10.98 -0.51
CA ARG A 106 12.74 -9.67 -1.10
C ARG A 106 11.64 -8.66 -0.69
N SER A 107 10.37 -9.05 -0.75
CA SER A 107 9.27 -8.17 -0.32
C SER A 107 9.54 -7.67 1.11
N ALA A 108 9.75 -8.64 1.99
CA ALA A 108 10.03 -8.39 3.38
C ALA A 108 11.19 -7.42 3.57
N MET A 109 12.27 -7.59 2.81
CA MET A 109 13.44 -6.72 2.97
C MET A 109 13.08 -5.32 2.45
N ARG A 110 12.30 -5.26 1.39
CA ARG A 110 11.85 -3.97 0.90
C ARG A 110 11.01 -3.23 1.96
N LEU A 111 10.25 -3.97 2.76
CA LEU A 111 9.41 -3.36 3.82
C LEU A 111 10.04 -3.40 5.22
N CYS A 112 11.33 -3.69 5.28
CA CYS A 112 12.02 -3.81 6.55
C CYS A 112 11.27 -4.69 7.56
N LEU A 113 10.60 -5.72 7.04
CA LEU A 113 9.98 -6.74 7.88
C LEU A 113 11.10 -7.76 8.14
N PRO A 114 10.96 -8.59 9.19
CA PRO A 114 12.04 -9.51 9.57
C PRO A 114 12.43 -10.59 8.56
N SER A 115 13.73 -10.75 8.34
CA SER A 115 14.24 -11.86 7.53
C SER A 115 13.93 -13.24 8.17
N PHE A 116 13.86 -14.28 7.33
CA PHE A 116 13.59 -15.66 7.77
C PHE A 116 14.27 -16.68 6.84
N ASP A 117 14.40 -17.94 7.29
CA ASP A 117 15.03 -18.98 6.46
C ASP A 117 14.02 -19.58 5.48
N LYS A 118 14.29 -19.40 4.20
CA LYS A 118 13.40 -19.86 3.13
C LYS A 118 13.08 -21.35 3.20
N LEU A 119 14.10 -22.16 3.44
CA LEU A 119 13.89 -23.59 3.49
C LEU A 119 13.10 -24.01 4.73
N GLU A 120 13.26 -23.29 5.83
CA GLU A 120 12.45 -23.59 7.03
C GLU A 120 10.97 -23.22 6.81
N LEU A 121 10.69 -22.09 6.16
CA LEU A 121 9.30 -21.73 5.86
C LEU A 121 8.71 -22.75 4.90
N LEU A 122 9.49 -23.13 3.91
CA LEU A 122 9.01 -24.14 2.97
C LEU A 122 8.62 -25.41 3.74
N GLU A 123 9.54 -25.92 4.55
CA GLU A 123 9.24 -27.14 5.33
C GLU A 123 7.99 -26.98 6.20
N CYS A 124 7.80 -25.77 6.75
CA CYS A 124 6.62 -25.50 7.60
C CYS A 124 5.37 -25.53 6.77
N ILE A 125 5.45 -24.91 5.61
CA ILE A 125 4.35 -24.92 4.65
C ILE A 125 4.05 -26.34 4.20
N ARG A 126 5.09 -27.10 3.84
CA ARG A 126 4.90 -28.51 3.47
C ARG A 126 4.17 -29.23 4.60
N ARG A 127 4.65 -29.05 5.82
CA ARG A 127 4.04 -29.66 6.99
C ARG A 127 2.59 -29.26 7.11
N LEU A 128 2.31 -27.99 6.84
CA LEU A 128 0.93 -27.51 6.89
C LEU A 128 0.08 -28.13 5.80
N ILE A 129 0.68 -28.36 4.64
CA ILE A 129 -0.11 -28.90 3.54
C ILE A 129 -0.43 -30.38 3.85
N GLU A 130 0.55 -31.07 4.42
CA GLU A 130 0.41 -32.47 4.82
C GLU A 130 -0.74 -32.63 5.82
N VAL A 131 -0.82 -31.73 6.78
CA VAL A 131 -1.98 -31.78 7.70
C VAL A 131 -3.32 -31.64 6.94
N ASP A 132 -3.44 -30.65 6.06
CA ASP A 132 -4.64 -30.48 5.23
C ASP A 132 -4.61 -31.18 3.86
N LYS A 133 -4.05 -32.37 3.83
CA LYS A 133 -3.85 -33.13 2.59
C LYS A 133 -5.16 -33.43 1.87
N ASP A 134 -6.21 -33.71 2.62
CA ASP A 134 -7.51 -34.09 2.07
C ASP A 134 -8.31 -32.93 1.47
N TRP A 135 -7.85 -31.72 1.67
CA TRP A 135 -8.46 -30.55 1.07
C TRP A 135 -7.97 -30.37 -0.36
N VAL A 136 -6.81 -30.93 -0.66
CA VAL A 136 -6.23 -30.79 -1.99
C VAL A 136 -7.02 -31.62 -3.01
N PRO A 137 -7.81 -30.95 -3.86
CA PRO A 137 -8.62 -31.68 -4.82
C PRO A 137 -7.77 -32.37 -5.88
N ASP A 138 -8.38 -33.23 -6.67
CA ASP A 138 -7.63 -33.93 -7.73
C ASP A 138 -8.33 -33.98 -9.09
N ALA A 139 -9.53 -33.42 -9.20
CA ALA A 139 -10.19 -33.30 -10.49
C ALA A 139 -9.26 -32.49 -11.44
N ALA A 140 -9.52 -32.59 -12.75
CA ALA A 140 -8.70 -31.91 -13.74
C ALA A 140 -8.67 -30.39 -13.51
N GLY A 141 -7.48 -29.80 -13.65
CA GLY A 141 -7.31 -28.34 -13.49
C GLY A 141 -7.67 -27.77 -12.13
N THR A 142 -7.54 -28.59 -11.09
CA THR A 142 -7.81 -28.13 -9.73
C THR A 142 -6.50 -28.15 -8.99
N SER A 143 -6.42 -27.36 -7.91
CA SER A 143 -5.19 -27.23 -7.16
C SER A 143 -5.46 -26.69 -5.79
N LEU A 144 -4.44 -26.67 -4.95
CA LEU A 144 -4.52 -26.00 -3.68
C LEU A 144 -3.66 -24.76 -3.72
N TYR A 145 -4.29 -23.61 -3.45
CA TYR A 145 -3.66 -22.29 -3.46
C TYR A 145 -3.17 -21.95 -2.08
N VAL A 146 -1.91 -21.59 -2.01
CA VAL A 146 -1.21 -21.36 -0.78
C VAL A 146 -0.88 -19.88 -0.67
N ARG A 147 -1.35 -19.27 0.42
CA ARG A 147 -1.21 -17.84 0.67
C ARG A 147 -0.41 -17.50 1.92
N PRO A 148 0.93 -17.45 1.80
CA PRO A 148 1.75 -16.92 2.88
C PRO A 148 1.62 -15.41 2.98
N VAL A 149 1.79 -14.89 4.20
CA VAL A 149 1.61 -13.48 4.46
C VAL A 149 2.55 -13.08 5.58
N LEU A 150 3.12 -11.89 5.47
CA LEU A 150 4.02 -11.37 6.50
C LEU A 150 3.62 -9.91 6.69
N ILE A 151 3.38 -9.54 7.93
CA ILE A 151 2.94 -8.19 8.27
C ILE A 151 3.66 -7.63 9.48
N GLY A 152 3.85 -6.33 9.47
CA GLY A 152 4.42 -5.64 10.61
C GLY A 152 3.32 -5.56 11.62
N ASN A 153 3.66 -5.64 12.89
CA ASN A 153 2.64 -5.63 13.92
C ASN A 153 2.99 -4.80 15.14
N GLU A 154 3.63 -3.66 14.92
CA GLU A 154 3.94 -2.73 16.00
C GLU A 154 2.67 -1.96 16.37
N PRO A 155 2.37 -1.85 17.66
CA PRO A 155 1.26 -1.04 18.10
C PRO A 155 1.72 0.42 18.24
N SER A 156 2.11 1.02 17.13
CA SER A 156 2.63 2.39 17.12
C SER A 156 2.23 3.13 15.86
N LEU A 157 1.84 4.38 16.00
CA LEU A 157 1.47 5.19 14.85
C LEU A 157 2.67 5.80 14.19
N GLY A 158 3.85 5.53 14.73
CA GLY A 158 5.09 5.99 14.13
C GLY A 158 5.35 5.25 12.84
N VAL A 159 5.67 5.98 11.78
CA VAL A 159 6.03 5.36 10.51
C VAL A 159 7.44 4.90 10.62
N SER A 160 7.64 3.61 10.92
CA SER A 160 8.98 3.08 11.26
C SER A 160 9.14 1.56 11.16
N GLN A 161 10.38 1.07 11.23
CA GLN A 161 10.64 -0.38 11.22
C GLN A 161 10.00 -1.00 12.44
N PRO A 162 9.10 -1.98 12.24
CA PRO A 162 8.48 -2.55 13.42
C PRO A 162 9.41 -3.48 14.13
N THR A 163 9.16 -3.65 15.42
CA THR A 163 9.88 -4.58 16.28
C THR A 163 9.07 -5.84 16.46
N ARG A 164 7.91 -5.92 15.80
CA ARG A 164 7.04 -7.08 15.89
C ARG A 164 6.44 -7.35 14.56
N ALA A 165 6.29 -8.63 14.25
CA ALA A 165 5.70 -9.02 12.99
C ALA A 165 4.98 -10.37 13.12
N LEU A 166 4.16 -10.67 12.13
CA LEU A 166 3.37 -11.89 12.09
C LEU A 166 3.51 -12.51 10.70
N LEU A 167 3.84 -13.79 10.67
CA LEU A 167 3.94 -14.54 9.45
C LEU A 167 2.93 -15.68 9.61
N PHE A 168 1.98 -15.73 8.71
CA PHE A 168 1.02 -16.78 8.72
C PHE A 168 0.75 -17.22 7.30
N VAL A 169 0.14 -18.39 7.17
CA VAL A 169 -0.16 -18.99 5.88
C VAL A 169 -1.51 -19.66 5.94
N ILE A 170 -2.31 -19.49 4.87
CA ILE A 170 -3.63 -20.13 4.78
C ILE A 170 -3.78 -20.81 3.41
N LEU A 171 -4.73 -21.73 3.29
CA LEU A 171 -4.92 -22.52 2.07
C LEU A 171 -6.36 -22.49 1.61
N CYS A 172 -6.54 -22.52 0.29
CA CYS A 172 -7.86 -22.56 -0.35
C CYS A 172 -7.84 -23.62 -1.41
N PRO A 173 -8.84 -24.50 -1.42
CA PRO A 173 -8.97 -25.35 -2.59
C PRO A 173 -9.47 -24.53 -3.79
N VAL A 174 -8.93 -24.74 -4.99
CA VAL A 174 -9.45 -24.01 -6.15
C VAL A 174 -9.88 -24.92 -7.28
N GLY A 175 -11.00 -24.57 -7.92
CA GLY A 175 -11.54 -25.34 -9.06
C GLY A 175 -10.61 -25.23 -10.25
N VAL A 183 -8.05 -21.69 -21.27
CA VAL A 183 -8.81 -22.07 -22.47
C VAL A 183 -9.66 -20.90 -23.00
N THR A 184 -10.34 -20.15 -22.11
CA THR A 184 -11.22 -19.05 -22.55
C THR A 184 -10.48 -17.69 -22.62
N PRO A 185 -10.52 -17.04 -23.80
CA PRO A 185 -9.81 -15.79 -23.98
C PRO A 185 -10.44 -14.60 -23.27
N VAL A 186 -9.61 -13.64 -22.89
CA VAL A 186 -10.10 -12.45 -22.20
C VAL A 186 -9.93 -11.12 -22.94
N SER A 187 -10.79 -10.18 -22.58
CA SER A 187 -10.78 -8.83 -23.15
C SER A 187 -10.08 -7.89 -22.18
N LEU A 188 -9.38 -6.87 -22.69
CA LEU A 188 -8.62 -5.97 -21.83
C LEU A 188 -8.82 -4.51 -22.16
N LEU A 189 -8.95 -3.70 -21.11
CA LEU A 189 -8.92 -2.27 -21.26
C LEU A 189 -7.48 -1.79 -21.14
N ALA A 190 -7.01 -1.06 -22.15
CA ALA A 190 -5.67 -0.50 -22.16
C ALA A 190 -5.79 1.01 -22.29
N ASP A 191 -5.80 1.66 -21.12
CA ASP A 191 -5.87 3.13 -21.00
C ASP A 191 -4.62 3.67 -20.30
N PRO A 192 -3.87 4.57 -20.97
CA PRO A 192 -2.63 5.10 -20.36
C PRO A 192 -2.84 5.88 -19.06
N ALA A 193 -4.03 6.45 -18.87
CA ALA A 193 -4.40 7.11 -17.61
C ALA A 193 -4.08 6.29 -16.34
N PHE A 194 -4.15 4.97 -16.48
CA PHE A 194 -4.00 4.05 -15.37
C PHE A 194 -2.57 3.52 -15.21
N ILE A 195 -2.03 3.68 -14.01
CA ILE A 195 -0.64 3.26 -13.69
C ILE A 195 -0.58 2.29 -12.49
N ARG A 196 0.04 1.14 -12.71
CA ARG A 196 0.15 0.12 -11.65
C ARG A 196 1.40 0.33 -10.82
N ALA A 197 2.46 0.71 -11.51
CA ALA A 197 3.79 0.81 -10.89
C ALA A 197 4.71 1.75 -11.68
N TRP A 198 5.73 2.28 -10.99
CA TRP A 198 6.70 3.18 -11.62
C TRP A 198 8.15 2.78 -11.37
N VAL A 199 9.03 3.22 -12.28
CA VAL A 199 10.46 3.00 -12.09
C VAL A 199 10.81 3.72 -10.81
N GLY A 200 11.43 3.00 -9.89
CA GLY A 200 11.75 3.53 -8.58
C GLY A 200 10.70 3.30 -7.51
N GLY A 201 9.54 2.75 -7.91
CA GLY A 201 8.46 2.38 -6.98
C GLY A 201 8.66 0.96 -6.47
N VAL A 202 7.58 0.30 -6.09
CA VAL A 202 7.66 -1.03 -5.50
C VAL A 202 6.76 -2.04 -6.20
N GLY A 203 6.49 -1.78 -7.48
CA GLY A 203 5.68 -2.66 -8.30
C GLY A 203 6.28 -4.04 -8.50
N ASN A 204 7.60 -4.13 -8.37
CA ASN A 204 8.31 -5.41 -8.53
C ASN A 204 8.34 -6.32 -7.28
N TYR A 205 7.59 -5.95 -6.24
CA TYR A 205 7.48 -6.73 -5.02
C TYR A 205 5.99 -7.06 -4.83
N LYS A 206 5.66 -8.16 -4.16
CA LYS A 206 4.24 -8.57 -4.00
C LYS A 206 3.71 -8.03 -2.66
N LEU A 207 3.48 -6.74 -2.68
CA LEU A 207 3.10 -5.95 -1.52
C LEU A 207 1.64 -5.56 -1.62
N GLY A 208 0.92 -5.67 -0.49
CA GLY A 208 -0.49 -5.30 -0.43
C GLY A 208 -0.83 -4.02 -1.15
N GLY A 209 -0.06 -2.95 -0.89
CA GLY A 209 -0.27 -1.63 -1.51
C GLY A 209 -0.37 -1.51 -3.02
N ASN A 210 0.16 -2.49 -3.76
CA ASN A 210 0.12 -2.48 -5.23
C ASN A 210 -1.27 -2.91 -5.72
N TYR A 211 -2.05 -3.59 -4.88
CA TYR A 211 -3.32 -4.15 -5.34
C TYR A 211 -4.58 -3.33 -5.04
N GLY A 212 -4.69 -2.76 -3.84
CA GLY A 212 -5.87 -1.97 -3.46
C GLY A 212 -6.30 -0.96 -4.53
N PRO A 213 -5.36 -0.15 -5.01
CA PRO A 213 -5.69 0.84 -5.99
C PRO A 213 -6.22 0.32 -7.31
N THR A 214 -5.87 -0.91 -7.70
CA THR A 214 -6.39 -1.51 -8.96
C THR A 214 -7.90 -1.86 -8.93
N VAL A 215 -8.51 -1.88 -7.75
CA VAL A 215 -9.91 -2.33 -7.65
C VAL A 215 -10.83 -1.45 -8.48
N LEU A 216 -10.69 -0.14 -8.28
CA LEU A 216 -11.45 0.86 -9.02
C LEU A 216 -11.21 0.81 -10.51
N VAL A 217 -9.96 0.57 -10.89
CA VAL A 217 -9.54 0.49 -12.31
C VAL A 217 -10.14 -0.74 -12.98
N GLN A 218 -10.09 -1.86 -12.27
CA GLN A 218 -10.75 -3.05 -12.68
C GLN A 218 -12.25 -2.81 -12.89
N GLN A 219 -12.89 -2.11 -11.95
CA GLN A 219 -14.31 -1.75 -12.13
C GLN A 219 -14.52 -0.93 -13.40
N GLU A 220 -13.62 0.03 -13.65
CA GLU A 220 -13.69 0.81 -14.87
C GLU A 220 -13.52 -0.03 -16.15
N ALA A 221 -12.73 -1.11 -16.10
CA ALA A 221 -12.58 -1.99 -17.24
C ALA A 221 -13.86 -2.82 -17.45
N LEU A 222 -14.45 -3.27 -16.36
CA LEU A 222 -15.75 -3.96 -16.44
C LEU A 222 -16.79 -3.04 -17.07
N LYS A 223 -16.98 -1.86 -16.48
CA LYS A 223 -17.90 -0.88 -17.06
C LYS A 223 -17.64 -0.65 -18.54
N ARG A 224 -16.37 -0.66 -18.95
CA ARG A 224 -16.04 -0.44 -20.37
C ARG A 224 -16.13 -1.73 -21.22
N GLY A 225 -16.73 -2.77 -20.65
CA GLY A 225 -16.94 -4.03 -21.36
C GLY A 225 -15.71 -4.92 -21.51
N CYS A 226 -14.67 -4.63 -20.74
CA CYS A 226 -13.47 -5.45 -20.75
C CYS A 226 -13.49 -6.32 -19.51
N GLU A 227 -12.65 -7.34 -19.51
CA GLU A 227 -12.55 -8.29 -18.39
C GLU A 227 -11.39 -8.04 -17.45
N GLN A 228 -10.27 -7.55 -17.98
CA GLN A 228 -9.11 -7.24 -17.12
C GLN A 228 -8.43 -6.01 -17.64
N VAL A 229 -7.47 -5.52 -16.87
CA VAL A 229 -6.70 -4.31 -17.20
C VAL A 229 -5.36 -4.65 -17.87
N LEU A 230 -5.09 -4.03 -19.01
CA LEU A 230 -3.76 -4.03 -19.61
C LEU A 230 -3.05 -2.77 -19.10
N TRP A 231 -2.11 -2.94 -18.18
CA TRP A 231 -1.41 -1.82 -17.55
C TRP A 231 -0.33 -1.31 -18.46
N LEU A 232 -0.54 -0.09 -18.93
CA LEU A 232 0.42 0.60 -19.78
C LEU A 232 1.27 1.54 -18.92
N TYR A 233 2.49 1.80 -19.37
CA TYR A 233 3.41 2.66 -18.63
C TYR A 233 4.25 3.46 -19.56
N GLY A 234 4.46 4.73 -19.22
CA GLY A 234 5.41 5.56 -19.96
C GLY A 234 4.87 6.14 -21.25
N PRO A 235 5.56 7.18 -21.77
CA PRO A 235 5.14 7.96 -22.94
C PRO A 235 4.85 7.09 -24.19
N ASP A 236 5.71 6.09 -24.42
CA ASP A 236 5.54 5.17 -25.53
C ASP A 236 4.56 4.00 -25.23
N HIS A 237 3.74 4.17 -24.19
CA HIS A 237 2.76 3.16 -23.77
C HIS A 237 3.23 1.72 -23.82
N GLN A 238 4.14 1.37 -22.93
CA GLN A 238 4.63 0.00 -22.85
C GLN A 238 3.56 -0.91 -22.23
N LEU A 239 3.45 -2.13 -22.75
CA LEU A 239 2.57 -3.12 -22.16
C LEU A 239 3.39 -3.80 -21.05
N THR A 240 2.99 -3.60 -19.80
CA THR A 240 3.72 -4.15 -18.65
C THR A 240 3.17 -5.48 -18.17
N GLU A 241 1.89 -5.47 -17.80
CA GLU A 241 1.19 -6.61 -17.19
C GLU A 241 -0.30 -6.61 -17.52
N VAL A 242 -0.92 -7.78 -17.39
CA VAL A 242 -2.36 -7.88 -17.61
C VAL A 242 -3.00 -8.37 -16.32
N GLY A 243 -3.83 -7.52 -15.70
CA GLY A 243 -4.50 -7.82 -14.45
C GLY A 243 -3.52 -8.03 -13.33
N THR A 244 -3.48 -9.26 -12.81
CA THR A 244 -2.42 -9.66 -11.91
C THR A 244 -1.52 -10.71 -12.64
N MET A 245 -1.31 -10.51 -13.94
CA MET A 245 -0.52 -11.43 -14.75
C MET A 245 0.56 -10.72 -15.52
N ASN A 246 1.61 -11.48 -15.83
CA ASN A 246 2.65 -11.01 -16.67
C ASN A 246 2.14 -11.23 -18.03
N ILE A 247 2.61 -10.41 -18.96
CA ILE A 247 2.14 -10.48 -20.34
C ILE A 247 3.22 -10.96 -21.31
N PHE A 248 2.79 -11.79 -22.28
CA PHE A 248 3.62 -12.38 -23.28
C PHE A 248 3.03 -12.17 -24.66
N VAL A 249 3.92 -12.01 -25.64
CA VAL A 249 3.52 -11.88 -27.03
C VAL A 249 4.35 -12.81 -27.88
N TYR A 250 3.65 -13.59 -28.69
CA TYR A 250 4.26 -14.50 -29.63
C TYR A 250 3.91 -13.92 -30.99
N TRP A 251 4.94 -13.58 -31.74
CA TRP A 251 4.79 -12.97 -33.05
C TRP A 251 6.05 -13.11 -33.88
N THR A 252 5.98 -12.59 -35.11
CA THR A 252 7.13 -12.42 -35.95
C THR A 252 7.49 -10.96 -35.76
N HIS A 253 8.66 -10.71 -35.20
CA HIS A 253 9.08 -9.36 -34.84
C HIS A 253 9.41 -8.57 -36.09
N GLU A 254 9.79 -7.30 -35.94
CA GLU A 254 10.10 -6.43 -37.09
C GLU A 254 11.33 -6.88 -37.87
N ASP A 255 12.31 -7.44 -37.18
CA ASP A 255 13.50 -7.98 -37.85
C ASP A 255 13.19 -9.30 -38.57
N GLY A 256 11.90 -9.66 -38.69
CA GLY A 256 11.45 -10.86 -39.38
C GLY A 256 11.65 -12.19 -38.66
N VAL A 257 12.17 -12.14 -37.44
CA VAL A 257 12.40 -13.37 -36.69
C VAL A 257 11.20 -13.63 -35.79
N LEU A 258 10.84 -14.91 -35.68
CA LEU A 258 9.73 -15.38 -34.87
C LEU A 258 10.18 -15.40 -33.42
N GLU A 259 9.45 -14.68 -32.55
CA GLU A 259 9.83 -14.67 -31.15
C GLU A 259 8.68 -14.65 -30.17
N LEU A 260 9.03 -15.15 -28.98
CA LEU A 260 8.24 -15.00 -27.79
C LEU A 260 8.91 -13.85 -27.06
N VAL A 261 8.15 -12.81 -26.75
CA VAL A 261 8.67 -11.66 -26.03
C VAL A 261 7.82 -11.37 -24.80
N THR A 262 8.47 -10.88 -23.75
CA THR A 262 7.81 -10.42 -22.52
C THR A 262 8.67 -9.30 -21.87
N PRO A 263 8.05 -8.30 -21.23
CA PRO A 263 8.85 -7.17 -20.74
C PRO A 263 9.94 -7.54 -19.74
N PRO A 264 11.02 -6.78 -19.74
CA PRO A 264 12.10 -7.09 -18.82
C PRO A 264 11.77 -6.69 -17.41
N LEU A 265 12.53 -7.22 -16.47
CA LEU A 265 12.40 -6.91 -15.07
C LEU A 265 13.17 -5.65 -14.76
N ASN A 266 12.61 -4.51 -15.12
CA ASN A 266 13.28 -3.22 -14.93
C ASN A 266 12.67 -2.34 -13.83
N GLY A 267 11.82 -2.94 -12.99
CA GLY A 267 11.25 -2.23 -11.84
C GLY A 267 9.74 -2.17 -11.74
N VAL A 268 9.06 -2.16 -12.89
CA VAL A 268 7.60 -2.06 -12.95
C VAL A 268 6.92 -3.40 -13.16
N ILE A 269 7.71 -4.46 -13.34
CA ILE A 269 7.20 -5.78 -13.61
C ILE A 269 7.37 -6.69 -12.41
N LEU A 270 6.33 -7.44 -12.06
CA LEU A 270 6.41 -8.42 -11.00
C LEU A 270 7.08 -9.68 -11.59
N PRO A 271 8.19 -10.16 -10.97
CA PRO A 271 8.88 -11.36 -11.48
C PRO A 271 8.14 -12.64 -11.12
N GLY A 272 7.17 -12.95 -11.95
CA GLY A 272 6.34 -14.11 -11.76
C GLY A 272 7.08 -15.41 -11.95
N VAL A 273 6.65 -16.38 -11.16
CA VAL A 273 7.13 -17.74 -11.24
C VAL A 273 6.70 -18.43 -12.53
N VAL A 274 5.46 -18.19 -12.97
CA VAL A 274 5.02 -18.79 -14.23
C VAL A 274 5.81 -18.14 -15.35
N ARG A 275 5.84 -16.82 -15.37
CA ARG A 275 6.60 -16.07 -16.35
C ARG A 275 8.00 -16.70 -16.53
N GLN A 276 8.71 -16.86 -15.44
CA GLN A 276 10.09 -17.34 -15.51
C GLN A 276 10.12 -18.76 -16.06
N SER A 277 9.07 -19.52 -15.77
CA SER A 277 8.98 -20.89 -16.23
C SER A 277 8.75 -20.97 -17.74
N LEU A 278 7.89 -20.10 -18.26
CA LEU A 278 7.61 -20.09 -19.68
C LEU A 278 8.86 -19.73 -20.46
N LEU A 279 9.59 -18.72 -19.97
CA LEU A 279 10.88 -18.34 -20.56
C LEU A 279 11.84 -19.55 -20.53
N ASP A 280 11.98 -20.18 -19.37
CA ASP A 280 12.86 -21.36 -19.25
C ASP A 280 12.49 -22.50 -20.22
N MET A 281 11.20 -22.82 -20.34
CA MET A 281 10.75 -23.87 -21.25
C MET A 281 11.08 -23.54 -22.71
N ALA A 282 10.65 -22.36 -23.15
CA ALA A 282 10.81 -21.94 -24.52
C ALA A 282 12.29 -21.86 -24.88
N GLN A 283 13.04 -21.29 -23.96
CA GLN A 283 14.49 -21.21 -24.07
C GLN A 283 15.03 -22.61 -24.32
N THR A 284 14.64 -23.55 -23.48
CA THR A 284 15.08 -24.93 -23.56
C THR A 284 14.71 -25.58 -24.92
N TRP A 285 13.48 -25.37 -25.39
CA TRP A 285 13.06 -25.92 -26.68
C TRP A 285 14.05 -25.53 -27.79
N GLY A 286 14.38 -24.25 -27.86
CA GLY A 286 15.34 -23.74 -28.84
C GLY A 286 14.78 -23.76 -30.25
N GLU A 287 13.54 -23.33 -30.40
CA GLU A 287 12.85 -23.37 -31.70
C GLU A 287 12.50 -22.01 -32.26
N PHE A 288 12.55 -20.99 -31.42
CA PHE A 288 12.28 -19.62 -31.80
C PHE A 288 12.99 -18.70 -30.82
N ARG A 289 13.10 -17.44 -31.15
CA ARG A 289 13.80 -16.54 -30.29
C ARG A 289 12.93 -16.17 -29.06
N VAL A 290 13.60 -16.07 -27.93
CA VAL A 290 12.96 -15.81 -26.66
C VAL A 290 13.66 -14.65 -25.96
N VAL A 291 12.96 -13.52 -25.84
CA VAL A 291 13.53 -12.31 -25.31
C VAL A 291 12.73 -11.65 -24.22
N GLU A 292 13.45 -10.86 -23.42
CA GLU A 292 12.86 -9.98 -22.47
C GLU A 292 13.11 -8.60 -23.07
N ARG A 293 12.04 -7.94 -23.47
CA ARG A 293 12.11 -6.63 -24.08
C ARG A 293 10.80 -5.85 -23.91
N THR A 294 10.92 -4.55 -23.79
CA THR A 294 9.83 -3.60 -23.89
C THR A 294 8.92 -3.97 -25.06
N ILE A 295 7.62 -3.73 -24.86
CA ILE A 295 6.63 -3.91 -25.90
C ILE A 295 5.71 -2.71 -25.87
N THR A 296 5.54 -2.07 -27.02
CA THR A 296 4.78 -0.82 -27.16
C THR A 296 3.45 -1.03 -27.88
N MET A 297 2.42 -0.25 -27.54
CA MET A 297 1.17 -0.34 -28.31
C MET A 297 1.47 -0.12 -29.81
N LYS A 298 2.43 0.74 -30.11
CA LYS A 298 2.85 1.03 -31.50
C LYS A 298 3.39 -0.20 -32.20
N GLN A 299 4.24 -0.94 -31.51
CA GLN A 299 4.70 -2.19 -32.05
C GLN A 299 3.53 -3.16 -32.26
N LEU A 300 2.57 -3.19 -31.33
CA LEU A 300 1.47 -4.15 -31.40
C LEU A 300 0.53 -3.81 -32.53
N LEU A 301 0.17 -2.54 -32.61
CA LEU A 301 -0.66 -2.04 -33.71
C LEU A 301 -0.06 -2.41 -35.04
N ARG A 302 1.18 -2.00 -35.24
CA ARG A 302 1.89 -2.30 -36.49
C ARG A 302 1.93 -3.80 -36.78
N ALA A 303 2.26 -4.62 -35.78
CA ALA A 303 2.31 -6.06 -35.98
C ALA A 303 0.93 -6.67 -36.26
N LEU A 304 -0.12 -6.07 -35.69
CA LEU A 304 -1.49 -6.51 -35.99
C LEU A 304 -1.84 -6.10 -37.43
N GLU A 305 -1.50 -4.86 -37.82
CA GLU A 305 -1.76 -4.42 -39.19
C GLU A 305 -1.09 -5.36 -40.21
N GLU A 306 0.14 -5.78 -39.93
CA GLU A 306 0.94 -6.60 -40.85
C GLU A 306 0.81 -8.13 -40.68
N GLY A 307 -0.16 -8.55 -39.85
CA GLY A 307 -0.44 -9.98 -39.60
C GLY A 307 0.70 -10.78 -38.99
N ARG A 308 1.53 -10.12 -38.20
CA ARG A 308 2.70 -10.78 -37.63
C ARG A 308 2.45 -11.38 -36.23
N VAL A 309 1.33 -11.01 -35.59
CA VAL A 309 1.00 -11.47 -34.24
C VAL A 309 0.24 -12.79 -34.23
N ARG A 310 0.75 -13.79 -33.51
CA ARG A 310 0.07 -15.08 -33.45
C ARG A 310 -0.75 -15.20 -32.18
N GLU A 311 -0.09 -15.01 -31.04
CA GLU A 311 -0.68 -15.18 -29.74
C GLU A 311 -0.21 -14.13 -28.76
N VAL A 312 -1.17 -13.57 -28.04
CA VAL A 312 -0.92 -12.69 -26.92
C VAL A 312 -1.59 -13.37 -25.72
N PHE A 313 -0.85 -13.50 -24.62
CA PHE A 313 -1.41 -14.10 -23.41
C PHE A 313 -0.78 -13.60 -22.13
N GLY A 314 -1.43 -13.91 -21.02
CA GLY A 314 -0.94 -13.52 -19.71
C GLY A 314 -0.52 -14.77 -18.98
N SER A 315 0.27 -14.63 -17.94
CA SER A 315 0.70 -15.79 -17.15
C SER A 315 0.74 -15.41 -15.69
N GLY A 316 0.49 -16.39 -14.85
CA GLY A 316 0.45 -16.20 -13.40
C GLY A 316 -0.09 -17.47 -12.78
N THR A 317 0.07 -17.61 -11.48
CA THR A 317 -0.40 -18.80 -10.80
C THR A 317 -1.90 -19.02 -10.99
N ALA A 318 -2.67 -17.95 -11.16
CA ALA A 318 -4.14 -18.06 -11.27
C ALA A 318 -4.64 -18.97 -12.39
N CYS A 319 -4.28 -18.63 -13.63
N CYS A 319 -4.25 -18.65 -13.61
CA CYS A 319 -4.68 -19.40 -14.83
CA CYS A 319 -4.65 -19.39 -14.81
C CYS A 319 -3.56 -20.32 -15.36
C CYS A 319 -3.56 -20.32 -15.33
N GLN A 320 -2.31 -19.92 -15.11
CA GLN A 320 -1.11 -20.55 -15.71
C GLN A 320 -0.88 -19.75 -17.01
N VAL A 321 -1.70 -19.97 -18.04
CA VAL A 321 -1.56 -19.28 -19.33
C VAL A 321 -2.94 -18.78 -19.80
N CYS A 322 -3.09 -17.48 -20.01
CA CYS A 322 -4.40 -16.91 -20.33
C CYS A 322 -4.44 -16.12 -21.65
N PRO A 323 -5.15 -16.63 -22.65
CA PRO A 323 -5.16 -15.94 -23.94
C PRO A 323 -5.97 -14.68 -23.97
N VAL A 324 -5.56 -13.78 -24.87
CA VAL A 324 -6.15 -12.49 -25.04
C VAL A 324 -6.70 -12.41 -26.45
N HIS A 325 -7.99 -12.08 -26.61
CA HIS A 325 -8.59 -11.96 -27.95
C HIS A 325 -8.88 -10.52 -28.35
N ARG A 326 -8.91 -9.65 -27.34
CA ARG A 326 -9.34 -8.27 -27.56
C ARG A 326 -8.68 -7.30 -26.58
N ILE A 327 -8.38 -6.11 -27.11
CA ILE A 327 -7.74 -5.03 -26.38
C ILE A 327 -8.41 -3.72 -26.82
N LEU A 328 -9.08 -3.07 -25.88
CA LEU A 328 -9.72 -1.80 -26.17
C LEU A 328 -8.70 -0.73 -25.82
N TYR A 329 -8.00 -0.24 -26.85
CA TYR A 329 -7.02 0.83 -26.68
C TYR A 329 -7.70 2.18 -26.83
N LYS A 330 -8.08 2.75 -25.68
CA LYS A 330 -8.86 4.00 -25.62
C LYS A 330 -10.27 3.77 -26.22
N ASP A 331 -10.45 4.02 -27.52
CA ASP A 331 -11.72 3.71 -28.19
C ASP A 331 -11.51 2.74 -29.38
N ARG A 332 -10.25 2.49 -29.74
CA ARG A 332 -9.93 1.56 -30.80
C ARG A 332 -9.99 0.13 -30.25
N ASN A 333 -10.89 -0.68 -30.80
CA ASN A 333 -11.07 -2.08 -30.40
C ASN A 333 -10.19 -3.01 -31.27
N LEU A 334 -9.12 -3.53 -30.71
CA LEU A 334 -8.19 -4.35 -31.50
C LEU A 334 -8.51 -5.83 -31.29
N HIS A 335 -8.63 -6.56 -32.39
CA HIS A 335 -8.83 -7.98 -32.31
C HIS A 335 -7.45 -8.62 -32.25
N ILE A 336 -7.27 -9.47 -31.24
CA ILE A 336 -6.03 -10.17 -31.06
C ILE A 336 -6.29 -11.62 -31.46
N PRO A 337 -5.59 -12.11 -32.51
CA PRO A 337 -5.94 -13.38 -33.16
C PRO A 337 -5.38 -14.64 -32.52
N THR A 338 -5.05 -14.54 -31.25
CA THR A 338 -4.57 -15.64 -30.44
C THR A 338 -5.30 -16.95 -30.76
N MET A 339 -6.63 -16.94 -30.69
CA MET A 339 -7.38 -18.19 -30.86
C MET A 339 -7.34 -18.79 -32.27
N GLU A 340 -7.28 -17.96 -33.32
CA GLU A 340 -7.20 -18.48 -34.70
C GLU A 340 -5.81 -19.00 -35.05
N ASN A 341 -4.86 -18.78 -34.15
CA ASN A 341 -3.52 -19.31 -34.30
C ASN A 341 -3.33 -20.45 -33.31
N GLY A 342 -4.42 -21.19 -33.04
CA GLY A 342 -4.38 -22.42 -32.27
C GLY A 342 -5.26 -22.45 -31.03
N PRO A 343 -4.81 -21.82 -29.92
CA PRO A 343 -3.58 -21.08 -29.70
C PRO A 343 -2.42 -22.05 -29.43
N GLU A 344 -1.55 -22.19 -30.42
CA GLU A 344 -0.58 -23.26 -30.44
C GLU A 344 0.46 -23.26 -29.33
N LEU A 345 1.07 -22.12 -29.13
CA LEU A 345 2.07 -21.99 -28.07
C LEU A 345 1.45 -22.17 -26.69
N ILE A 346 0.37 -21.41 -26.45
CA ILE A 346 -0.41 -21.50 -25.21
C ILE A 346 -0.73 -22.94 -24.85
N LEU A 347 -1.25 -23.68 -25.82
CA LEU A 347 -1.64 -25.08 -25.64
C LEU A 347 -0.44 -25.95 -25.30
N ARG A 348 0.70 -25.68 -25.95
CA ARG A 348 1.91 -26.38 -25.65
C ARG A 348 2.32 -26.08 -24.22
N PHE A 349 2.37 -24.80 -23.86
CA PHE A 349 2.70 -24.44 -22.49
C PHE A 349 1.76 -25.10 -21.47
N GLN A 350 0.46 -25.08 -21.74
CA GLN A 350 -0.44 -25.70 -20.77
C GLN A 350 -0.15 -27.19 -20.66
N LYS A 351 0.01 -27.85 -21.81
CA LYS A 351 0.23 -29.28 -21.83
C LYS A 351 1.45 -29.63 -21.01
N GLU A 352 2.56 -28.96 -21.28
CA GLU A 352 3.78 -29.23 -20.56
C GLU A 352 3.66 -28.92 -19.08
N LEU A 353 3.11 -27.77 -18.74
CA LEU A 353 2.87 -27.46 -17.33
C LEU A 353 1.99 -28.49 -16.61
N LYS A 354 0.93 -28.93 -17.25
CA LYS A 354 0.06 -29.97 -16.68
C LYS A 354 0.88 -31.26 -16.38
N GLU A 355 1.67 -31.71 -17.36
CA GLU A 355 2.49 -32.91 -17.22
C GLU A 355 3.44 -32.85 -16.00
N ILE A 356 4.05 -31.71 -15.80
CA ILE A 356 5.00 -31.50 -14.72
C ILE A 356 4.28 -31.36 -13.38
N GLN A 357 3.19 -30.60 -13.38
CA GLN A 357 2.48 -30.28 -12.17
C GLN A 357 1.75 -31.45 -11.54
N TYR A 358 1.15 -32.31 -12.36
CA TYR A 358 0.38 -33.45 -11.85
C TYR A 358 1.19 -34.75 -11.81
N GLY A 359 2.51 -34.65 -11.88
CA GLY A 359 3.38 -35.81 -11.74
C GLY A 359 3.35 -36.83 -12.86
N ILE A 360 2.88 -36.42 -14.03
CA ILE A 360 2.87 -37.29 -15.22
C ILE A 360 4.31 -37.49 -15.65
N ARG A 361 5.12 -36.45 -15.45
CA ARG A 361 6.52 -36.43 -15.80
C ARG A 361 7.26 -35.93 -14.56
N ALA A 362 8.33 -36.64 -14.16
CA ALA A 362 9.14 -36.24 -13.00
C ALA A 362 10.02 -35.07 -13.41
N HIS A 363 10.09 -34.06 -12.53
CA HIS A 363 10.81 -32.84 -12.84
C HIS A 363 11.39 -32.22 -11.57
N GLU A 364 12.52 -31.54 -11.73
CA GLU A 364 13.17 -30.81 -10.66
C GLU A 364 12.35 -29.56 -10.21
N TRP A 365 11.19 -29.31 -10.80
CA TRP A 365 10.38 -28.14 -10.48
C TRP A 365 9.35 -28.40 -9.40
N MET A 366 8.93 -29.65 -9.29
CA MET A 366 7.99 -30.03 -8.26
C MET A 366 8.72 -30.37 -6.97
N PHE A 367 8.09 -30.01 -5.87
CA PHE A 367 8.57 -30.25 -4.53
C PHE A 367 7.49 -31.09 -3.94
N PRO A 368 7.78 -32.36 -3.69
CA PRO A 368 6.75 -33.24 -3.17
C PRO A 368 6.37 -32.91 -1.73
N VAL A 369 5.09 -32.84 -1.44
CA VAL A 369 4.64 -32.69 -0.06
C VAL A 369 4.73 -34.04 0.65
N SER B 7 -26.38 5.95 2.43
CA SER B 7 -26.96 5.58 3.77
C SER B 7 -25.87 5.37 4.83
N SER B 8 -25.47 6.46 5.47
CA SER B 8 -24.40 6.46 6.46
C SER B 8 -24.80 5.96 7.85
N PHE B 9 -23.79 5.73 8.69
CA PHE B 9 -24.06 5.54 10.12
C PHE B 9 -24.52 6.89 10.67
N LYS B 10 -24.96 6.90 11.92
CA LYS B 10 -25.54 8.10 12.54
C LYS B 10 -25.12 8.29 13.97
N ALA B 11 -24.85 9.55 14.33
CA ALA B 11 -24.31 9.83 15.64
C ALA B 11 -25.39 9.73 16.70
N ALA B 12 -26.65 9.83 16.28
CA ALA B 12 -27.77 9.67 17.21
C ALA B 12 -27.82 8.24 17.75
N ASP B 13 -27.40 7.30 16.90
CA ASP B 13 -27.40 5.87 17.21
C ASP B 13 -26.18 5.42 18.00
N LEU B 14 -25.27 6.34 18.27
CA LEU B 14 -24.02 6.01 18.91
C LEU B 14 -24.22 5.25 20.23
N GLN B 15 -23.46 4.17 20.40
CA GLN B 15 -23.51 3.35 21.61
C GLN B 15 -22.31 3.62 22.48
N LEU B 16 -22.56 3.83 23.76
CA LEU B 16 -21.52 4.17 24.68
C LEU B 16 -21.29 2.99 25.62
N GLU B 17 -20.03 2.62 25.81
CA GLU B 17 -19.66 1.52 26.72
C GLU B 17 -18.35 1.88 27.40
N MET B 18 -18.47 2.39 28.63
CA MET B 18 -17.33 2.91 29.36
C MET B 18 -16.43 1.86 29.99
N THR B 19 -15.13 2.04 29.83
CA THR B 19 -14.10 1.20 30.47
C THR B 19 -14.43 0.87 31.92
N GLN B 20 -14.17 -0.38 32.30
CA GLN B 20 -14.38 -0.86 33.66
C GLN B 20 -13.27 -0.32 34.55
N LYS B 21 -12.04 -0.30 34.03
CA LYS B 21 -10.88 0.19 34.77
C LYS B 21 -10.01 0.99 33.78
N PRO B 22 -9.85 2.30 34.01
CA PRO B 22 -9.10 3.15 33.08
C PRO B 22 -7.57 3.09 33.25
N HIS B 23 -6.84 3.88 32.43
CA HIS B 23 -5.38 3.96 32.48
C HIS B 23 -4.90 5.31 33.01
N LYS B 24 -3.74 5.31 33.67
CA LYS B 24 -3.21 6.54 34.25
C LYS B 24 -2.50 7.35 33.16
N LYS B 25 -2.98 8.58 32.94
CA LYS B 25 -2.46 9.45 31.89
C LYS B 25 -0.96 9.65 32.10
N PRO B 26 -0.19 9.92 31.03
CA PRO B 26 1.25 10.12 31.18
C PRO B 26 1.64 11.30 32.08
N GLY B 27 2.90 11.31 32.52
CA GLY B 27 3.44 12.36 33.39
C GLY B 27 4.25 13.38 32.61
N PRO B 28 4.08 14.69 32.93
CA PRO B 28 4.78 15.72 32.20
C PRO B 28 6.23 15.89 32.68
N PRO B 31 8.20 12.68 28.65
CA PRO B 31 8.57 11.32 28.30
C PRO B 31 7.81 10.74 27.09
N LEU B 32 6.94 11.53 26.50
CA LEU B 32 6.00 11.06 25.47
C LEU B 32 6.53 10.91 24.04
N VAL B 33 6.89 9.68 23.64
CA VAL B 33 7.20 9.40 22.23
C VAL B 33 5.87 9.29 21.47
N PHE B 34 5.82 9.85 20.27
CA PHE B 34 4.58 9.86 19.48
C PHE B 34 4.12 8.47 19.05
N GLY B 35 2.83 8.22 19.25
CA GLY B 35 2.15 7.03 18.75
C GLY B 35 2.21 5.76 19.57
N LYS B 36 2.96 5.77 20.68
CA LYS B 36 3.08 4.56 21.50
C LYS B 36 2.08 4.51 22.66
N THR B 37 1.35 5.61 22.93
CA THR B 37 0.41 5.68 24.06
C THR B 37 -0.96 6.12 23.61
N PHE B 38 -1.98 5.38 24.03
CA PHE B 38 -3.33 5.60 23.54
C PHE B 38 -4.28 5.87 24.68
N THR B 39 -5.45 6.38 24.36
CA THR B 39 -6.42 6.74 25.39
C THR B 39 -7.28 5.55 25.79
N ASP B 40 -8.25 5.79 26.67
CA ASP B 40 -9.08 4.71 27.20
C ASP B 40 -10.10 4.17 26.22
N HIS B 41 -10.59 5.02 25.32
CA HIS B 41 -11.66 4.62 24.40
C HIS B 41 -11.30 4.80 22.93
N MET B 42 -12.13 4.19 22.09
CA MET B 42 -11.95 4.21 20.65
C MET B 42 -13.37 4.18 20.10
N LEU B 43 -13.49 4.48 18.82
CA LEU B 43 -14.75 4.43 18.12
C LEU B 43 -14.66 3.27 17.13
N MET B 44 -15.78 2.61 16.88
CA MET B 44 -15.81 1.51 15.93
C MET B 44 -17.13 1.54 15.21
N VAL B 45 -17.10 1.40 13.90
CA VAL B 45 -18.32 1.27 13.12
C VAL B 45 -18.09 0.17 12.08
N GLU B 46 -19.03 -0.77 12.00
CA GLU B 46 -18.96 -1.89 11.12
C GLU B 46 -19.88 -1.64 9.93
N TRP B 47 -19.41 -1.99 8.73
CA TRP B 47 -20.23 -1.95 7.50
C TRP B 47 -20.24 -3.35 6.88
N ASN B 48 -21.36 -3.69 6.26
CA ASN B 48 -21.50 -4.94 5.51
C ASN B 48 -22.57 -4.75 4.45
N ASP B 49 -23.10 -5.84 3.91
CA ASP B 49 -24.10 -5.73 2.87
C ASP B 49 -25.44 -5.20 3.40
N LYS B 50 -25.62 -5.23 4.73
CA LYS B 50 -26.79 -4.58 5.34
C LYS B 50 -26.47 -3.13 5.68
N GLY B 51 -25.43 -2.60 5.02
CA GLY B 51 -24.99 -1.22 5.18
C GLY B 51 -24.25 -1.01 6.47
N TRP B 52 -24.14 0.25 6.87
CA TRP B 52 -23.50 0.62 8.11
C TRP B 52 -24.31 0.19 9.32
N GLY B 53 -23.61 -0.29 10.34
CA GLY B 53 -24.24 -0.61 11.62
C GLY B 53 -24.21 0.62 12.50
N GLN B 54 -24.51 0.44 13.78
CA GLN B 54 -24.50 1.56 14.69
C GLN B 54 -23.08 1.80 15.12
N PRO B 55 -22.66 3.06 15.18
CA PRO B 55 -21.31 3.32 15.63
C PRO B 55 -21.26 3.11 17.11
N ARG B 56 -20.08 2.88 17.65
CA ARG B 56 -19.97 2.66 19.07
C ARG B 56 -18.69 3.24 19.65
N ILE B 57 -18.77 3.70 20.88
CA ILE B 57 -17.62 4.13 21.64
C ILE B 57 -17.36 3.01 22.60
N GLN B 58 -16.14 2.51 22.62
CA GLN B 58 -15.87 1.35 23.42
C GLN B 58 -14.50 1.47 23.97
N PRO B 59 -14.23 0.73 25.04
CA PRO B 59 -12.89 0.86 25.55
C PRO B 59 -11.86 0.35 24.52
N PHE B 60 -10.72 1.04 24.43
CA PHE B 60 -9.64 0.65 23.55
C PHE B 60 -9.46 -0.85 23.70
N GLN B 61 -9.61 -1.57 22.60
CA GLN B 61 -9.45 -3.01 22.60
C GLN B 61 -8.94 -3.46 21.23
N ASN B 62 -8.50 -4.70 21.13
CA ASN B 62 -7.92 -5.21 19.87
C ASN B 62 -8.95 -5.52 18.81
N LEU B 63 -8.49 -5.55 17.56
CA LEU B 63 -9.30 -5.93 16.38
C LEU B 63 -9.28 -7.45 16.18
N THR B 64 -10.41 -7.99 15.76
CA THR B 64 -10.55 -9.41 15.49
C THR B 64 -10.78 -9.51 13.99
N LEU B 65 -9.76 -9.97 13.26
CA LEU B 65 -9.83 -10.04 11.81
C LEU B 65 -9.68 -11.43 11.24
N HIS B 66 -10.52 -11.70 10.26
CA HIS B 66 -10.40 -12.89 9.45
C HIS B 66 -9.06 -12.81 8.70
N PRO B 67 -8.24 -13.87 8.73
CA PRO B 67 -6.88 -13.83 8.16
C PRO B 67 -6.78 -13.55 6.67
N ALA B 68 -7.90 -13.69 5.97
CA ALA B 68 -8.01 -13.33 4.57
C ALA B 68 -8.49 -11.89 4.38
N SER B 69 -8.41 -11.08 5.43
CA SER B 69 -9.03 -9.76 5.38
C SER B 69 -8.36 -8.92 4.32
N SER B 70 -9.16 -8.35 3.43
CA SER B 70 -8.62 -7.57 2.35
C SER B 70 -7.77 -6.41 2.85
N SER B 71 -8.05 -5.92 4.04
CA SER B 71 -7.20 -4.88 4.64
C SER B 71 -5.74 -5.33 4.74
N LEU B 72 -5.52 -6.60 5.00
CA LEU B 72 -4.17 -7.13 5.21
C LEU B 72 -3.49 -7.68 3.96
N HIS B 73 -4.26 -8.00 2.94
CA HIS B 73 -3.73 -8.66 1.75
C HIS B 73 -3.54 -7.69 0.60
N TYR B 74 -4.53 -6.81 0.37
CA TYR B 74 -4.47 -5.90 -0.77
C TYR B 74 -4.51 -4.43 -0.40
N SER B 75 -4.07 -4.14 0.81
CA SER B 75 -3.93 -2.77 1.31
C SER B 75 -5.18 -1.90 1.20
N LEU B 76 -6.35 -2.48 1.42
CA LEU B 76 -7.59 -1.70 1.51
C LEU B 76 -7.65 -1.06 2.88
N GLN B 77 -6.97 0.07 2.98
CA GLN B 77 -6.79 0.73 4.23
C GLN B 77 -6.45 2.17 3.93
N LEU B 78 -7.05 3.05 4.70
CA LEU B 78 -6.79 4.49 4.60
C LEU B 78 -6.93 5.06 5.97
N PHE B 79 -6.26 6.18 6.19
CA PHE B 79 -6.25 6.84 7.47
C PHE B 79 -6.26 8.35 7.36
N GLU B 80 -6.43 8.98 8.51
CA GLU B 80 -6.40 10.42 8.62
C GLU B 80 -5.68 10.79 9.90
N GLY B 81 -5.39 12.06 10.04
CA GLY B 81 -4.60 12.56 11.15
C GLY B 81 -4.93 14.02 11.32
N MET B 82 -5.30 14.36 12.55
CA MET B 82 -5.73 15.72 12.91
C MET B 82 -5.61 15.87 14.41
N LYS B 83 -5.32 17.09 14.84
CA LYS B 83 -5.14 17.39 16.24
C LYS B 83 -6.27 18.19 16.88
N ALA B 84 -6.46 17.91 18.16
CA ALA B 84 -7.35 18.66 19.00
C ALA B 84 -6.48 19.34 20.04
N PHE B 85 -6.81 20.57 20.38
CA PHE B 85 -6.00 21.34 21.33
C PHE B 85 -6.91 21.79 22.44
N LYS B 86 -6.40 21.75 23.66
CA LYS B 86 -7.12 22.20 24.84
C LYS B 86 -6.64 23.60 25.17
N GLY B 87 -7.55 24.59 25.11
CA GLY B 87 -7.24 25.98 25.48
C GLY B 87 -7.27 26.23 26.98
N LYS B 88 -6.83 27.41 27.41
CA LYS B 88 -6.82 27.79 28.84
C LYS B 88 -8.16 27.49 29.50
N ASP B 89 -9.23 27.88 28.82
CA ASP B 89 -10.59 27.60 29.24
C ASP B 89 -10.90 26.09 29.36
N GLN B 90 -9.86 25.24 29.39
CA GLN B 90 -9.99 23.78 29.42
C GLN B 90 -10.94 23.22 28.35
N GLN B 91 -11.24 24.04 27.35
CA GLN B 91 -12.13 23.69 26.26
C GLN B 91 -11.25 23.19 25.10
N VAL B 92 -11.62 22.05 24.54
CA VAL B 92 -10.85 21.37 23.49
C VAL B 92 -11.46 21.65 22.12
N ARG B 93 -10.59 21.83 21.12
CA ARG B 93 -11.04 22.19 19.78
C ARG B 93 -10.30 21.42 18.68
N LEU B 94 -11.02 21.10 17.62
CA LEU B 94 -10.44 20.44 16.48
C LEU B 94 -10.06 21.45 15.44
N PHE B 95 -8.87 21.29 14.87
CA PHE B 95 -8.41 22.17 13.82
C PHE B 95 -8.88 21.71 12.43
N ARG B 96 -9.72 22.55 11.81
CA ARG B 96 -10.28 22.34 10.47
C ARG B 96 -10.63 20.90 10.13
N PRO B 97 -11.25 20.18 11.08
CA PRO B 97 -11.49 18.74 10.87
C PRO B 97 -12.29 18.40 9.62
N TRP B 98 -13.01 19.36 9.05
CA TRP B 98 -13.82 19.11 7.85
C TRP B 98 -12.94 18.80 6.61
N LEU B 99 -11.78 19.45 6.53
CA LEU B 99 -10.86 19.15 5.45
C LEU B 99 -10.36 17.70 5.53
N ASN B 100 -10.15 17.23 6.76
CA ASN B 100 -9.75 15.85 6.99
C ASN B 100 -10.84 14.86 6.62
N MET B 101 -12.09 15.23 6.88
CA MET B 101 -13.24 14.41 6.55
C MET B 101 -13.41 14.37 5.07
N ASP B 102 -13.28 15.52 4.41
CA ASP B 102 -13.39 15.56 2.95
C ASP B 102 -12.31 14.60 2.38
N ARG B 103 -11.09 14.71 2.86
CA ARG B 103 -9.99 13.91 2.35
C ARG B 103 -10.20 12.41 2.64
N MET B 104 -10.76 12.12 3.80
CA MET B 104 -11.00 10.75 4.17
C MET B 104 -12.00 10.15 3.21
N LEU B 105 -13.04 10.92 2.87
CA LEU B 105 -14.04 10.43 1.91
C LEU B 105 -13.45 10.20 0.52
N ARG B 106 -12.60 11.10 0.04
CA ARG B 106 -12.00 10.91 -1.27
C ARG B 106 -11.15 9.63 -1.27
N SER B 107 -10.34 9.44 -0.22
CA SER B 107 -9.53 8.23 -0.09
C SER B 107 -10.44 6.97 -0.15
N ALA B 108 -11.57 7.03 0.53
CA ALA B 108 -12.50 5.92 0.59
C ALA B 108 -13.00 5.57 -0.80
N MET B 109 -13.36 6.57 -1.59
CA MET B 109 -13.81 6.30 -2.95
C MET B 109 -12.70 5.68 -3.78
N ARG B 110 -11.47 6.16 -3.59
CA ARG B 110 -10.38 5.70 -4.41
C ARG B 110 -10.15 4.22 -4.18
N LEU B 111 -10.29 3.79 -2.94
CA LEU B 111 -10.11 2.37 -2.55
C LEU B 111 -11.41 1.58 -2.59
N CYS B 112 -12.38 2.07 -3.33
CA CYS B 112 -13.67 1.39 -3.46
C CYS B 112 -14.32 1.02 -2.13
N LEU B 113 -13.99 1.76 -1.08
CA LEU B 113 -14.52 1.50 0.25
C LEU B 113 -15.87 2.23 0.44
N PRO B 114 -16.61 1.86 1.48
CA PRO B 114 -17.95 2.46 1.64
C PRO B 114 -17.96 3.93 2.00
N SER B 115 -18.81 4.67 1.28
CA SER B 115 -19.10 6.08 1.56
C SER B 115 -19.78 6.27 2.93
N PHE B 116 -19.59 7.46 3.49
CA PHE B 116 -20.19 7.83 4.78
C PHE B 116 -20.37 9.35 4.88
N ASP B 117 -21.15 9.76 5.88
CA ASP B 117 -21.50 11.18 6.07
C ASP B 117 -20.39 11.82 6.85
N LYS B 118 -19.84 12.90 6.29
CA LYS B 118 -18.67 13.55 6.88
C LYS B 118 -19.01 14.22 8.18
N LEU B 119 -20.22 14.75 8.27
CA LEU B 119 -20.61 15.42 9.50
C LEU B 119 -20.91 14.40 10.61
N GLU B 120 -21.50 13.26 10.25
CA GLU B 120 -21.81 12.21 11.24
C GLU B 120 -20.55 11.64 11.87
N LEU B 121 -19.55 11.34 11.04
CA LEU B 121 -18.28 10.85 11.59
C LEU B 121 -17.65 11.92 12.46
N LEU B 122 -17.73 13.17 11.99
CA LEU B 122 -17.16 14.28 12.75
C LEU B 122 -17.89 14.37 14.09
N GLU B 123 -19.22 14.25 14.07
CA GLU B 123 -19.94 14.30 15.35
C GLU B 123 -19.48 13.14 16.23
N CYS B 124 -19.38 11.92 15.69
CA CYS B 124 -18.92 10.76 16.52
C CYS B 124 -17.51 10.98 17.06
N ILE B 125 -16.68 11.69 16.31
CA ILE B 125 -15.33 11.96 16.79
C ILE B 125 -15.41 12.93 17.96
N ARG B 126 -16.32 13.90 17.84
CA ARG B 126 -16.55 14.89 18.88
C ARG B 126 -16.84 14.12 20.16
N ARG B 127 -17.79 13.21 20.07
CA ARG B 127 -18.22 12.42 21.22
C ARG B 127 -17.09 11.58 21.82
N LEU B 128 -16.28 11.00 20.94
CA LEU B 128 -15.16 10.16 21.39
C LEU B 128 -14.17 11.00 22.15
N ILE B 129 -13.84 12.17 21.58
CA ILE B 129 -12.90 13.07 22.25
C ILE B 129 -13.56 13.63 23.52
N GLU B 130 -14.84 13.99 23.44
CA GLU B 130 -15.59 14.43 24.62
C GLU B 130 -15.42 13.38 25.72
N VAL B 131 -15.78 12.14 25.42
CA VAL B 131 -15.64 11.07 26.39
C VAL B 131 -14.24 11.01 27.01
N ASP B 132 -13.18 11.19 26.19
CA ASP B 132 -11.79 11.20 26.71
C ASP B 132 -11.17 12.60 26.93
N LYS B 133 -12.03 13.61 27.09
CA LYS B 133 -11.62 14.99 27.47
C LYS B 133 -10.30 15.06 28.22
N ASP B 134 -10.21 14.33 29.34
CA ASP B 134 -9.05 14.42 30.26
C ASP B 134 -7.72 14.00 29.67
N TRP B 135 -7.75 13.25 28.59
CA TRP B 135 -6.50 12.77 27.96
C TRP B 135 -5.83 13.88 27.15
N VAL B 136 -6.57 14.95 26.88
CA VAL B 136 -6.14 16.07 26.04
C VAL B 136 -5.26 16.99 26.88
N PRO B 137 -3.92 16.89 26.71
CA PRO B 137 -3.03 17.67 27.55
C PRO B 137 -3.12 19.17 27.29
N ASP B 138 -2.90 19.98 28.31
CA ASP B 138 -2.93 21.44 28.15
C ASP B 138 -1.56 22.08 28.32
N ALA B 139 -0.53 21.27 28.53
CA ALA B 139 0.83 21.79 28.62
C ALA B 139 1.21 22.42 27.28
N ALA B 140 2.08 23.41 27.30
CA ALA B 140 2.46 24.11 26.08
C ALA B 140 2.99 23.16 24.97
N GLY B 141 2.53 23.40 23.74
CA GLY B 141 2.94 22.63 22.58
C GLY B 141 2.27 21.27 22.42
N THR B 142 1.35 20.92 23.31
CA THR B 142 0.76 19.59 23.31
C THR B 142 -0.66 19.58 22.74
N SER B 143 -1.11 18.37 22.41
CA SER B 143 -2.39 18.16 21.73
C SER B 143 -2.83 16.71 21.79
N LEU B 144 -4.03 16.46 21.33
CA LEU B 144 -4.48 15.11 21.20
C LEU B 144 -4.50 14.83 19.72
N TYR B 145 -3.79 13.78 19.31
CA TYR B 145 -3.77 13.35 17.93
C TYR B 145 -4.93 12.38 17.79
N VAL B 146 -5.69 12.54 16.71
CA VAL B 146 -6.84 11.73 16.40
C VAL B 146 -6.58 10.97 15.09
N ARG B 147 -6.72 9.64 15.16
CA ARG B 147 -6.41 8.75 14.03
C ARG B 147 -7.58 7.91 13.60
N PRO B 148 -8.38 8.44 12.65
CA PRO B 148 -9.41 7.66 11.99
C PRO B 148 -8.82 6.71 10.96
N VAL B 149 -9.46 5.55 10.80
CA VAL B 149 -9.04 4.56 9.82
C VAL B 149 -10.25 3.96 9.17
N LEU B 150 -10.11 3.55 7.91
CA LEU B 150 -11.14 2.77 7.23
C LEU B 150 -10.42 1.67 6.48
N ILE B 151 -10.72 0.42 6.84
CA ILE B 151 -10.14 -0.75 6.20
C ILE B 151 -11.20 -1.69 5.61
N GLY B 152 -10.86 -2.30 4.48
CA GLY B 152 -11.71 -3.33 3.92
C GLY B 152 -11.67 -4.54 4.86
N ASN B 153 -12.62 -5.44 4.69
CA ASN B 153 -12.64 -6.62 5.55
C ASN B 153 -13.34 -7.81 4.93
N GLU B 154 -13.29 -7.91 3.61
CA GLU B 154 -13.83 -9.06 2.89
C GLU B 154 -12.96 -10.26 3.24
N PRO B 155 -13.57 -11.42 3.58
CA PRO B 155 -12.77 -12.56 3.94
C PRO B 155 -12.52 -13.46 2.73
N SER B 156 -11.91 -12.91 1.70
CA SER B 156 -11.62 -13.69 0.50
C SER B 156 -10.39 -13.16 -0.19
N LEU B 157 -9.68 -14.03 -0.88
CA LEU B 157 -8.45 -13.62 -1.54
C LEU B 157 -8.72 -12.98 -2.91
N GLY B 158 -10.00 -12.74 -3.23
CA GLY B 158 -10.35 -12.09 -4.48
C GLY B 158 -9.98 -10.62 -4.36
N VAL B 159 -9.27 -10.09 -5.35
CA VAL B 159 -8.94 -8.66 -5.33
C VAL B 159 -10.19 -7.96 -5.77
N SER B 160 -10.92 -7.35 -4.84
CA SER B 160 -12.19 -6.73 -5.22
C SER B 160 -12.76 -5.77 -4.21
N GLN B 161 -13.85 -5.10 -4.60
CA GLN B 161 -14.61 -4.19 -3.74
C GLN B 161 -15.22 -4.97 -2.60
N PRO B 162 -14.73 -4.77 -1.38
CA PRO B 162 -15.26 -5.56 -0.28
C PRO B 162 -16.74 -5.30 0.00
N THR B 163 -17.33 -6.27 0.69
CA THR B 163 -18.69 -6.26 1.12
C THR B 163 -18.76 -6.00 2.60
N ARG B 164 -17.59 -5.97 3.25
CA ARG B 164 -17.45 -5.68 4.67
C ARG B 164 -16.34 -4.69 4.85
N ALA B 165 -16.43 -3.92 5.93
CA ALA B 165 -15.48 -2.86 6.17
C ALA B 165 -15.65 -2.42 7.59
N LEU B 166 -14.61 -1.75 8.08
CA LEU B 166 -14.49 -1.39 9.46
C LEU B 166 -13.94 0.01 9.51
N LEU B 167 -14.56 0.85 10.31
CA LEU B 167 -14.12 2.23 10.47
C LEU B 167 -13.92 2.41 11.93
N PHE B 168 -12.70 2.74 12.35
CA PHE B 168 -12.44 2.99 13.74
C PHE B 168 -11.62 4.26 13.93
N VAL B 169 -11.50 4.70 15.17
CA VAL B 169 -10.80 5.91 15.54
C VAL B 169 -10.16 5.72 16.88
N ILE B 170 -8.86 5.99 16.99
CA ILE B 170 -8.12 5.87 18.23
C ILE B 170 -7.49 7.23 18.49
N LEU B 171 -7.10 7.47 19.74
CA LEU B 171 -6.56 8.78 20.16
C LEU B 171 -5.25 8.67 20.92
N CYS B 172 -4.34 9.57 20.64
CA CYS B 172 -3.08 9.63 21.35
C CYS B 172 -2.92 11.02 21.92
N PRO B 173 -2.46 11.10 23.18
CA PRO B 173 -1.97 12.39 23.66
C PRO B 173 -0.57 12.57 23.05
N VAL B 174 -0.24 13.80 22.64
CA VAL B 174 1.10 14.07 22.07
C VAL B 174 1.79 15.16 22.90
N GLY B 175 3.10 15.02 23.07
CA GLY B 175 3.91 16.00 23.77
C GLY B 175 4.33 17.10 22.82
N ALA B 176 4.92 18.16 23.36
CA ALA B 176 5.42 19.27 22.56
C ALA B 176 6.36 18.74 21.48
N TYR B 177 6.05 19.00 20.22
CA TYR B 177 6.87 18.48 19.11
C TYR B 177 8.34 18.91 19.24
N PHE B 178 8.58 20.22 19.29
CA PHE B 178 9.95 20.75 19.48
C PHE B 178 10.29 20.82 20.97
N SER B 182 10.53 26.83 21.21
CA SER B 182 11.72 26.60 20.40
C SER B 182 11.38 25.83 19.14
N VAL B 183 12.18 26.00 18.08
CA VAL B 183 11.93 25.34 16.78
C VAL B 183 13.28 24.97 16.14
N THR B 184 13.56 23.67 16.03
CA THR B 184 14.85 23.19 15.48
C THR B 184 14.75 22.67 14.06
N PRO B 185 15.66 23.11 13.19
CA PRO B 185 15.62 22.73 11.80
C PRO B 185 16.00 21.28 11.57
N VAL B 186 15.69 20.76 10.37
CA VAL B 186 16.04 19.39 9.97
C VAL B 186 16.89 19.32 8.70
N SER B 187 17.70 18.29 8.57
CA SER B 187 18.51 18.07 7.38
C SER B 187 17.83 17.04 6.51
N LEU B 188 17.99 17.13 5.20
CA LEU B 188 17.24 16.26 4.29
C LEU B 188 18.14 15.53 3.32
N LEU B 189 17.69 14.34 2.95
CA LEU B 189 18.32 13.56 1.91
C LEU B 189 17.48 13.74 0.66
N ALA B 190 18.11 14.28 -0.37
CA ALA B 190 17.48 14.45 -1.66
C ALA B 190 18.15 13.55 -2.69
N ASP B 191 17.60 12.35 -2.88
CA ASP B 191 18.10 11.34 -3.83
C ASP B 191 16.99 10.90 -4.79
N PRO B 192 17.12 11.25 -6.09
CA PRO B 192 16.07 10.95 -7.07
C PRO B 192 15.74 9.47 -7.27
N ALA B 193 16.57 8.57 -6.76
CA ALA B 193 16.34 7.12 -6.93
C ALA B 193 15.08 6.64 -6.20
N PHE B 194 14.68 7.38 -5.17
CA PHE B 194 13.56 7.01 -4.33
C PHE B 194 12.37 7.86 -4.75
N ILE B 195 11.31 7.21 -5.19
CA ILE B 195 10.14 7.93 -5.71
C ILE B 195 8.86 7.62 -4.95
N ARG B 196 8.36 8.62 -4.22
CA ARG B 196 7.19 8.48 -3.35
C ARG B 196 5.83 8.25 -4.03
N ALA B 197 5.64 8.85 -5.20
CA ALA B 197 4.36 8.86 -5.88
C ALA B 197 4.52 9.33 -7.31
N TRP B 198 3.55 8.98 -8.14
CA TRP B 198 3.64 9.19 -9.59
C TRP B 198 2.32 9.80 -10.06
N VAL B 199 2.37 10.65 -11.08
CA VAL B 199 1.14 11.23 -11.69
C VAL B 199 0.26 10.09 -12.16
N GLY B 200 -1.03 10.16 -11.81
CA GLY B 200 -1.96 9.09 -12.13
C GLY B 200 -1.93 7.96 -11.10
N GLY B 201 -1.13 8.15 -10.05
CA GLY B 201 -1.03 7.21 -8.94
C GLY B 201 -1.96 7.63 -7.83
N VAL B 202 -1.57 7.34 -6.60
CA VAL B 202 -2.43 7.60 -5.46
C VAL B 202 -1.70 8.34 -4.33
N GLY B 203 -0.56 8.93 -4.64
CA GLY B 203 0.19 9.70 -3.67
C GLY B 203 -0.59 10.86 -3.07
N ASN B 204 -1.64 11.31 -3.76
CA ASN B 204 -2.52 12.40 -3.28
C ASN B 204 -3.71 11.98 -2.37
N TYR B 205 -3.68 10.72 -1.93
CA TYR B 205 -4.66 10.18 -1.01
C TYR B 205 -3.90 9.66 0.19
N LYS B 206 -4.54 9.66 1.35
CA LYS B 206 -3.83 9.22 2.54
C LYS B 206 -4.06 7.73 2.74
N LEU B 207 -3.50 6.96 1.82
CA LEU B 207 -3.63 5.52 1.83
C LEU B 207 -2.41 4.94 2.47
N GLY B 208 -2.60 3.91 3.30
CA GLY B 208 -1.50 3.25 4.02
C GLY B 208 -0.40 2.75 3.10
N GLY B 209 -0.78 2.34 1.88
CA GLY B 209 0.14 1.83 0.90
C GLY B 209 1.17 2.84 0.44
N ASN B 210 0.92 4.12 0.69
CA ASN B 210 1.92 5.16 0.33
C ASN B 210 3.03 5.28 1.35
N TYR B 211 2.84 4.69 2.53
CA TYR B 211 3.74 4.90 3.65
C TYR B 211 4.71 3.74 3.93
N GLY B 212 4.23 2.53 3.78
CA GLY B 212 5.07 1.36 4.04
C GLY B 212 6.40 1.35 3.32
N PRO B 213 6.39 1.67 2.01
CA PRO B 213 7.67 1.63 1.29
C PRO B 213 8.63 2.78 1.60
N THR B 214 8.23 3.72 2.46
CA THR B 214 9.08 4.85 2.84
C THR B 214 9.98 4.53 4.03
N VAL B 215 9.72 3.39 4.70
CA VAL B 215 10.52 3.05 5.86
C VAL B 215 11.98 2.86 5.44
N LEU B 216 12.22 1.97 4.49
CA LEU B 216 13.59 1.69 4.03
C LEU B 216 14.28 2.96 3.57
N VAL B 217 13.52 3.83 2.90
CA VAL B 217 14.12 5.04 2.37
C VAL B 217 14.50 5.91 3.55
N GLN B 218 13.58 6.07 4.49
CA GLN B 218 13.87 6.84 5.68
C GLN B 218 15.12 6.26 6.37
N GLN B 219 15.22 4.94 6.50
CA GLN B 219 16.43 4.35 7.08
C GLN B 219 17.69 4.74 6.30
N GLU B 220 17.61 4.82 4.98
CA GLU B 220 18.78 5.21 4.21
C GLU B 220 19.20 6.65 4.56
N ALA B 221 18.22 7.52 4.75
CA ALA B 221 18.50 8.91 5.05
C ALA B 221 19.30 9.03 6.35
N LEU B 222 18.98 8.20 7.33
CA LEU B 222 19.71 8.18 8.61
C LEU B 222 21.15 7.69 8.49
N LYS B 223 21.39 6.63 7.74
CA LYS B 223 22.77 6.15 7.52
C LYS B 223 23.61 7.20 6.80
N ARG B 224 22.97 8.01 5.94
CA ARG B 224 23.67 9.09 5.25
C ARG B 224 23.67 10.42 6.05
N GLY B 225 23.22 10.36 7.30
CA GLY B 225 23.30 11.49 8.23
C GLY B 225 22.24 12.57 8.09
N CYS B 226 21.08 12.19 7.55
CA CYS B 226 19.97 13.11 7.43
C CYS B 226 18.87 12.65 8.33
N GLU B 227 17.94 13.53 8.62
CA GLU B 227 16.84 13.25 9.52
C GLU B 227 15.56 12.94 8.77
N GLN B 228 15.45 13.42 7.53
CA GLN B 228 14.26 13.17 6.73
C GLN B 228 14.54 13.10 5.24
N VAL B 229 13.50 12.71 4.49
CA VAL B 229 13.58 12.54 3.06
C VAL B 229 12.93 13.71 2.34
N LEU B 230 13.66 14.24 1.34
CA LEU B 230 13.14 15.24 0.41
C LEU B 230 12.82 14.51 -0.86
N TRP B 231 11.53 14.33 -1.12
CA TRP B 231 11.07 13.51 -2.21
C TRP B 231 11.12 14.28 -3.51
N LEU B 232 11.99 13.84 -4.41
CA LEU B 232 12.14 14.48 -5.69
C LEU B 232 11.27 13.76 -6.68
N TYR B 233 10.80 14.48 -7.70
CA TYR B 233 10.02 13.85 -8.74
C TYR B 233 10.38 14.47 -10.08
N GLY B 234 10.44 13.64 -11.13
CA GLY B 234 10.73 14.06 -12.49
C GLY B 234 12.20 14.01 -12.89
N PRO B 235 12.48 14.21 -14.18
CA PRO B 235 13.86 14.35 -14.64
C PRO B 235 14.45 15.70 -14.24
N ASP B 236 13.57 16.67 -13.94
CA ASP B 236 13.99 18.01 -13.51
C ASP B 236 14.04 18.18 -11.98
N HIS B 237 13.92 17.06 -11.27
CA HIS B 237 14.04 17.01 -9.81
C HIS B 237 13.19 18.02 -9.02
N GLN B 238 11.88 17.88 -9.12
CA GLN B 238 10.97 18.78 -8.41
C GLN B 238 10.91 18.46 -6.93
N LEU B 239 10.92 19.46 -6.08
CA LEU B 239 10.74 19.25 -4.66
C LEU B 239 9.23 19.09 -4.42
N THR B 240 8.81 17.88 -4.07
CA THR B 240 7.39 17.61 -3.87
C THR B 240 7.00 17.67 -2.41
N GLU B 241 7.66 16.88 -1.58
CA GLU B 241 7.31 16.78 -0.18
C GLU B 241 8.51 16.44 0.66
N VAL B 242 8.39 16.70 1.96
CA VAL B 242 9.42 16.41 2.96
C VAL B 242 8.88 15.45 4.00
N GLY B 243 9.44 14.25 4.04
CA GLY B 243 8.98 13.18 4.91
C GLY B 243 7.49 13.02 4.71
N THR B 244 6.73 13.34 5.75
CA THR B 244 5.29 13.32 5.64
C THR B 244 4.75 14.73 5.68
N MET B 245 5.57 15.70 5.25
CA MET B 245 5.14 17.09 5.24
C MET B 245 5.16 17.69 3.82
N ASN B 246 4.26 18.65 3.58
CA ASN B 246 4.25 19.39 2.32
C ASN B 246 5.38 20.40 2.43
N ILE B 247 5.85 20.91 1.29
CA ILE B 247 7.02 21.78 1.31
C ILE B 247 6.77 23.18 0.78
N PHE B 248 7.21 24.15 1.58
CA PHE B 248 7.10 25.56 1.24
C PHE B 248 8.47 26.16 1.17
N VAL B 249 8.64 27.06 0.20
CA VAL B 249 9.86 27.86 0.07
C VAL B 249 9.53 29.36 0.07
N TYR B 250 10.21 30.11 0.93
CA TYR B 250 10.05 31.56 1.02
C TYR B 250 11.28 32.16 0.38
N TRP B 251 11.09 32.84 -0.73
CA TRP B 251 12.22 33.40 -1.43
C TRP B 251 11.83 34.59 -2.31
N THR B 252 12.85 35.28 -2.82
CA THR B 252 12.68 36.28 -3.85
C THR B 252 12.87 35.47 -5.11
N HIS B 253 11.89 35.50 -6.01
CA HIS B 253 11.90 34.64 -7.19
C HIS B 253 12.72 35.24 -8.33
N GLU B 254 13.00 34.44 -9.37
CA GLU B 254 13.64 34.90 -10.62
C GLU B 254 13.29 36.30 -11.08
N ASP B 255 12.01 36.63 -11.07
CA ASP B 255 11.54 37.95 -11.48
C ASP B 255 11.76 39.04 -10.41
N GLY B 256 12.50 38.73 -9.35
CA GLY B 256 12.83 39.70 -8.30
C GLY B 256 11.68 40.01 -7.36
N VAL B 257 10.64 39.17 -7.39
CA VAL B 257 9.44 39.33 -6.58
C VAL B 257 9.40 38.35 -5.40
N LEU B 258 9.25 38.91 -4.20
CA LEU B 258 9.20 38.11 -2.99
C LEU B 258 7.95 37.21 -2.99
N GLU B 259 8.16 35.91 -2.78
CA GLU B 259 7.03 34.99 -2.71
C GLU B 259 7.15 33.82 -1.75
N LEU B 260 6.01 33.19 -1.53
CA LEU B 260 5.93 31.92 -0.83
C LEU B 260 5.36 30.96 -1.86
N VAL B 261 6.14 29.94 -2.19
CA VAL B 261 5.71 28.95 -3.16
C VAL B 261 5.66 27.55 -2.52
N THR B 262 4.76 26.72 -3.05
CA THR B 262 4.61 25.33 -2.67
C THR B 262 4.11 24.63 -3.92
N PRO B 263 4.56 23.37 -4.17
CA PRO B 263 4.13 22.70 -5.40
C PRO B 263 2.61 22.57 -5.53
N PRO B 264 2.08 22.63 -6.78
CA PRO B 264 0.66 22.53 -7.05
C PRO B 264 0.18 21.09 -6.85
N LEU B 265 -1.13 20.89 -6.76
CA LEU B 265 -1.66 19.56 -6.54
C LEU B 265 -1.85 18.93 -7.89
N ASN B 266 -0.77 18.46 -8.48
CA ASN B 266 -0.82 17.83 -9.79
C ASN B 266 -1.03 16.32 -9.69
N GLY B 267 -1.17 15.79 -8.46
CA GLY B 267 -1.39 14.36 -8.24
C GLY B 267 -0.33 13.65 -7.40
N VAL B 268 0.88 14.19 -7.30
CA VAL B 268 1.92 13.59 -6.49
C VAL B 268 2.06 14.27 -5.13
N ILE B 269 1.16 15.20 -4.84
CA ILE B 269 1.21 15.96 -3.61
C ILE B 269 -0.01 15.65 -2.76
N LEU B 270 0.22 15.40 -1.47
CA LEU B 270 -0.88 15.15 -0.53
C LEU B 270 -1.41 16.53 -0.05
N PRO B 271 -2.68 16.86 -0.36
CA PRO B 271 -3.19 18.17 0.04
C PRO B 271 -3.32 18.32 1.54
N GLY B 272 -2.24 18.78 2.17
CA GLY B 272 -2.20 18.91 3.62
C GLY B 272 -3.16 19.97 4.12
N VAL B 273 -3.61 19.82 5.36
CA VAL B 273 -4.48 20.80 5.99
C VAL B 273 -3.69 22.02 6.46
N VAL B 274 -2.47 21.80 6.92
CA VAL B 274 -1.64 22.92 7.33
C VAL B 274 -1.22 23.67 6.04
N ARG B 275 -0.90 22.95 4.99
CA ARG B 275 -0.50 23.55 3.73
C ARG B 275 -1.55 24.53 3.20
N GLN B 276 -2.79 24.09 3.19
CA GLN B 276 -3.88 24.93 2.74
C GLN B 276 -3.97 26.14 3.67
N SER B 277 -3.86 25.88 4.98
CA SER B 277 -3.98 26.92 5.96
C SER B 277 -2.88 27.97 5.86
N LEU B 278 -1.65 27.56 5.57
CA LEU B 278 -0.54 28.47 5.42
C LEU B 278 -0.80 29.33 4.19
N LEU B 279 -1.23 28.69 3.11
CA LEU B 279 -1.61 29.40 1.93
C LEU B 279 -2.70 30.41 2.29
N ASP B 280 -3.80 29.96 2.90
CA ASP B 280 -4.94 30.85 3.21
C ASP B 280 -4.50 32.08 4.03
N MET B 281 -3.76 31.80 5.10
CA MET B 281 -3.22 32.79 6.00
C MET B 281 -2.34 33.81 5.29
N ALA B 282 -1.36 33.32 4.52
CA ALA B 282 -0.45 34.19 3.79
C ALA B 282 -1.19 35.11 2.81
N GLN B 283 -2.14 34.56 2.06
CA GLN B 283 -2.94 35.36 1.12
C GLN B 283 -3.83 36.38 1.85
N THR B 284 -4.29 36.05 3.06
CA THR B 284 -5.09 37.01 3.85
C THR B 284 -4.24 38.24 4.28
N TRP B 285 -2.98 37.99 4.64
CA TRP B 285 -2.06 39.06 4.96
C TRP B 285 -1.85 39.97 3.76
N GLY B 286 -1.84 39.38 2.58
CA GLY B 286 -1.67 40.13 1.33
C GLY B 286 -0.44 41.00 1.29
N GLU B 287 0.64 40.56 1.95
CA GLU B 287 1.87 41.32 2.04
C GLU B 287 2.94 40.82 1.09
N PHE B 288 2.74 39.67 0.47
CA PHE B 288 3.69 39.14 -0.53
C PHE B 288 3.00 38.14 -1.43
N ARG B 289 3.67 37.73 -2.50
CA ARG B 289 3.06 36.84 -3.47
C ARG B 289 2.98 35.38 -2.99
N VAL B 290 1.78 34.81 -3.09
CA VAL B 290 1.56 33.43 -2.72
C VAL B 290 1.10 32.71 -3.97
N VAL B 291 1.85 31.67 -4.31
CA VAL B 291 1.61 30.97 -5.54
C VAL B 291 1.87 29.46 -5.39
N GLU B 292 1.16 28.69 -6.19
CA GLU B 292 1.37 27.25 -6.29
C GLU B 292 2.05 27.07 -7.62
N ARG B 293 3.28 26.61 -7.54
CA ARG B 293 4.12 26.42 -8.70
C ARG B 293 5.12 25.35 -8.37
N THR B 294 5.47 24.61 -9.41
CA THR B 294 6.49 23.59 -9.36
C THR B 294 7.80 24.23 -8.92
N ILE B 295 8.60 23.47 -8.14
CA ILE B 295 9.91 23.90 -7.63
C ILE B 295 10.99 22.84 -7.93
N THR B 296 12.02 23.23 -8.66
CA THR B 296 13.07 22.30 -9.07
C THR B 296 14.32 22.55 -8.26
N MET B 297 15.17 21.53 -8.16
CA MET B 297 16.48 21.70 -7.51
C MET B 297 17.33 22.71 -8.30
N LYS B 298 17.13 22.80 -9.60
CA LYS B 298 17.86 23.78 -10.43
C LYS B 298 17.52 25.21 -9.94
N GLN B 299 16.23 25.47 -9.71
CA GLN B 299 15.77 26.77 -9.22
C GLN B 299 16.22 27.08 -7.82
N LEU B 300 16.27 26.05 -6.98
CA LEU B 300 16.67 26.26 -5.59
C LEU B 300 18.18 26.54 -5.54
N LEU B 301 19.00 25.72 -6.22
CA LEU B 301 20.45 25.94 -6.31
C LEU B 301 20.79 27.38 -6.62
N ARG B 302 20.29 27.87 -7.75
CA ARG B 302 20.55 29.24 -8.19
C ARG B 302 20.09 30.26 -7.17
N ALA B 303 18.88 30.04 -6.63
CA ALA B 303 18.34 30.93 -5.61
C ALA B 303 19.27 30.97 -4.40
N LEU B 304 19.88 29.83 -4.07
CA LEU B 304 20.79 29.76 -2.95
C LEU B 304 22.10 30.52 -3.24
N GLU B 305 22.75 30.24 -4.38
CA GLU B 305 23.96 30.97 -4.78
C GLU B 305 23.77 32.49 -4.82
N GLU B 306 22.56 32.93 -5.18
CA GLU B 306 22.27 34.36 -5.31
C GLU B 306 21.68 34.98 -4.04
N GLY B 307 21.63 34.23 -2.94
CA GLY B 307 21.11 34.76 -1.69
C GLY B 307 19.62 35.10 -1.71
N ARG B 308 18.87 34.50 -2.62
CA ARG B 308 17.43 34.83 -2.74
C ARG B 308 16.53 33.95 -1.86
N VAL B 309 17.06 32.84 -1.35
CA VAL B 309 16.28 31.94 -0.51
C VAL B 309 16.33 32.46 0.90
N ARG B 310 15.17 32.70 1.49
CA ARG B 310 15.09 33.14 2.87
C ARG B 310 14.79 31.97 3.82
N GLU B 311 13.73 31.19 3.52
CA GLU B 311 13.33 30.06 4.38
C GLU B 311 12.79 28.86 3.58
N VAL B 312 13.10 27.65 4.04
CA VAL B 312 12.52 26.41 3.49
C VAL B 312 12.00 25.63 4.65
N PHE B 313 10.75 25.18 4.56
CA PHE B 313 10.16 24.43 5.65
C PHE B 313 9.08 23.46 5.20
N GLY B 314 8.80 22.48 6.06
CA GLY B 314 7.68 21.60 5.84
C GLY B 314 6.47 22.04 6.65
N SER B 315 5.30 21.57 6.23
CA SER B 315 4.04 21.76 6.92
C SER B 315 3.36 20.41 7.08
N GLY B 316 2.60 20.22 8.15
CA GLY B 316 1.96 18.95 8.42
C GLY B 316 1.40 18.96 9.82
N THR B 317 0.45 18.06 10.11
CA THR B 317 -0.23 18.04 11.42
C THR B 317 0.77 17.75 12.55
N ALA B 318 1.72 16.85 12.28
CA ALA B 318 2.75 16.50 13.25
C ALA B 318 3.46 17.72 13.79
N CYS B 319 3.92 18.56 12.87
CA CYS B 319 4.84 19.64 13.17
C CYS B 319 4.28 21.06 13.11
N GLN B 320 3.25 21.23 12.28
CA GLN B 320 2.71 22.54 12.00
C GLN B 320 3.69 23.13 10.98
N VAL B 321 4.88 23.52 11.42
CA VAL B 321 5.88 24.12 10.54
C VAL B 321 7.27 23.64 10.95
N CYS B 322 8.04 23.09 10.01
CA CYS B 322 9.33 22.49 10.33
C CYS B 322 10.46 23.06 9.49
N PRO B 323 11.33 23.85 10.14
CA PRO B 323 12.46 24.41 9.42
C PRO B 323 13.41 23.37 8.83
N VAL B 324 13.93 23.71 7.66
CA VAL B 324 14.95 22.94 6.98
C VAL B 324 16.21 23.80 6.89
N HIS B 325 17.37 23.20 7.12
CA HIS B 325 18.63 23.94 7.07
C HIS B 325 19.71 23.25 6.25
N ARG B 326 19.45 22.03 5.77
CA ARG B 326 20.47 21.37 4.98
C ARG B 326 19.87 20.34 4.06
N ILE B 327 20.38 20.29 2.83
CA ILE B 327 19.96 19.28 1.87
C ILE B 327 21.16 18.57 1.29
N LEU B 328 21.21 17.25 1.48
CA LEU B 328 22.27 16.43 0.89
C LEU B 328 21.81 15.96 -0.49
N TYR B 329 22.28 16.65 -1.52
CA TYR B 329 21.90 16.40 -2.91
C TYR B 329 23.18 16.06 -3.68
N LYS B 330 23.19 14.93 -4.37
CA LYS B 330 24.36 14.49 -5.18
C LYS B 330 25.64 14.44 -4.34
N ASP B 331 25.53 13.87 -3.14
CA ASP B 331 26.65 13.78 -2.19
C ASP B 331 27.06 15.13 -1.58
N ARG B 332 26.71 16.22 -2.26
CA ARG B 332 27.06 17.59 -1.84
C ARG B 332 26.00 18.19 -0.89
N ASN B 333 26.45 18.73 0.23
CA ASN B 333 25.56 19.36 1.19
C ASN B 333 25.17 20.78 0.78
N LEU B 334 23.87 21.05 0.82
CA LEU B 334 23.36 22.38 0.55
C LEU B 334 22.92 22.96 1.86
N HIS B 335 23.47 24.13 2.19
CA HIS B 335 23.07 24.82 3.39
C HIS B 335 21.85 25.67 3.07
N ILE B 336 20.85 25.65 3.93
CA ILE B 336 19.67 26.44 3.72
C ILE B 336 19.64 27.50 4.83
N PRO B 337 19.64 28.80 4.46
CA PRO B 337 19.75 29.80 5.53
C PRO B 337 18.47 30.07 6.33
N THR B 338 17.54 29.13 6.31
CA THR B 338 16.27 29.31 7.00
C THR B 338 16.41 29.97 8.36
N MET B 339 17.30 29.41 9.18
CA MET B 339 17.47 29.88 10.54
C MET B 339 18.15 31.25 10.62
N GLU B 340 19.00 31.56 9.65
CA GLU B 340 19.62 32.88 9.55
C GLU B 340 18.59 33.99 9.30
N ASN B 341 17.51 33.65 8.60
CA ASN B 341 16.50 34.61 8.20
C ASN B 341 15.36 34.78 9.22
N GLY B 342 15.58 34.30 10.43
CA GLY B 342 14.62 34.47 11.52
C GLY B 342 14.44 33.20 12.32
N PRO B 343 13.67 32.21 11.82
CA PRO B 343 12.89 32.23 10.59
C PRO B 343 11.61 33.02 10.84
N GLU B 344 11.53 34.21 10.27
CA GLU B 344 10.45 35.13 10.59
C GLU B 344 9.14 34.58 10.12
N LEU B 345 9.12 34.06 8.89
CA LEU B 345 7.86 33.59 8.34
C LEU B 345 7.37 32.40 9.15
N ILE B 346 8.29 31.48 9.39
CA ILE B 346 7.99 30.29 10.16
C ILE B 346 7.47 30.71 11.53
N LEU B 347 8.20 31.60 12.18
CA LEU B 347 7.80 32.05 13.51
C LEU B 347 6.44 32.71 13.52
N ARG B 348 6.15 33.48 12.49
CA ARG B 348 4.87 34.18 12.38
C ARG B 348 3.79 33.15 12.14
N PHE B 349 4.08 32.18 11.28
CA PHE B 349 3.10 31.13 11.02
C PHE B 349 2.80 30.38 12.29
N GLN B 350 3.86 30.01 13.01
CA GLN B 350 3.71 29.24 14.24
C GLN B 350 2.88 29.97 15.28
N LYS B 351 3.06 31.28 15.36
CA LYS B 351 2.38 32.06 16.36
C LYS B 351 0.89 32.11 16.04
N GLU B 352 0.54 32.48 14.80
CA GLU B 352 -0.88 32.64 14.41
C GLU B 352 -1.67 31.35 14.56
N LEU B 353 -1.07 30.23 14.15
CA LEU B 353 -1.69 28.92 14.33
C LEU B 353 -1.91 28.60 15.81
N LYS B 354 -0.90 28.86 16.62
CA LYS B 354 -0.99 28.63 18.04
C LYS B 354 -2.16 29.43 18.62
N GLU B 355 -2.19 30.73 18.34
CA GLU B 355 -3.25 31.58 18.88
C GLU B 355 -4.62 31.04 18.46
N ILE B 356 -4.76 30.75 17.17
CA ILE B 356 -6.00 30.19 16.65
C ILE B 356 -6.32 28.84 17.32
N GLN B 357 -5.36 27.92 17.29
CA GLN B 357 -5.54 26.54 17.78
C GLN B 357 -5.91 26.45 19.23
N TYR B 358 -5.29 27.28 20.07
CA TYR B 358 -5.63 27.33 21.50
C TYR B 358 -6.69 28.43 21.86
N GLY B 359 -7.48 28.85 20.87
CA GLY B 359 -8.61 29.78 21.09
C GLY B 359 -8.35 31.20 21.60
N ILE B 360 -7.07 31.59 21.58
CA ILE B 360 -6.63 32.93 21.96
C ILE B 360 -7.33 33.92 21.01
N ARG B 361 -7.35 33.56 19.73
CA ARG B 361 -8.14 34.27 18.73
C ARG B 361 -9.25 33.34 18.33
N ALA B 362 -10.47 33.88 18.27
CA ALA B 362 -11.61 33.12 17.79
C ALA B 362 -11.47 33.00 16.27
N HIS B 363 -11.88 31.86 15.71
CA HIS B 363 -11.70 31.59 14.28
C HIS B 363 -12.56 30.42 13.84
N GLU B 364 -13.14 30.56 12.64
CA GLU B 364 -14.03 29.52 12.10
C GLU B 364 -13.34 28.19 11.79
N TRP B 365 -12.01 28.18 11.76
CA TRP B 365 -11.23 26.97 11.53
C TRP B 365 -11.34 26.00 12.69
N MET B 366 -11.70 26.49 13.87
CA MET B 366 -11.79 25.64 15.05
C MET B 366 -13.19 25.10 15.23
N PHE B 367 -13.25 23.82 15.60
CA PHE B 367 -14.46 23.09 15.81
C PHE B 367 -14.39 22.69 17.27
N PRO B 368 -15.29 23.25 18.08
CA PRO B 368 -15.22 23.00 19.51
C PRO B 368 -15.73 21.62 19.91
N VAL B 369 -14.96 20.95 20.76
CA VAL B 369 -15.39 19.69 21.35
C VAL B 369 -16.30 19.98 22.55
N3 68B C . -5.86 -15.25 -7.89
C4 68B C . -6.48 -16.42 -8.41
C5 68B C . -6.06 -17.71 -8.12
C7 68B C . -7.69 -18.58 -9.42
C10 68B C . -4.06 -13.77 -7.32
C13 68B C . -3.16 -11.37 -6.32
C15 68B C . -4.76 -13.15 -6.32
O1 68B C . -3.64 -15.83 -8.27
C2 68B C . -4.49 -15.04 -7.87
N6 68B C . -6.65 -18.80 -8.61
N8 68B C . -8.19 -17.40 -9.78
C9 68B C . -7.57 -16.33 -9.26
C11 68B C . -2.92 -13.18 -7.82
C12 68B C . -2.46 -11.99 -7.33
C14 68B C . -4.31 -11.95 -5.81
N1 PLP D . 1.93 -9.77 -11.78
C2 PLP D . 1.34 -9.32 -10.62
C2A PLP D . 0.94 -7.89 -10.48
C3 PLP D . 1.09 -10.25 -9.51
O3 PLP D . 0.53 -9.80 -8.36
C4 PLP D . 1.52 -11.66 -9.66
C4A PLP D . 1.26 -12.58 -8.51
C5 PLP D . 2.14 -12.03 -10.98
C6 PLP D . 2.29 -11.04 -11.97
C5A PLP D . 2.58 -13.40 -11.43
O4P PLP D . 2.88 -14.22 -10.36
P PLP D . 3.21 -15.78 -10.51
O1P PLP D . 3.60 -16.07 -11.94
O2P PLP D . 4.35 -15.90 -9.53
O3P PLP D . 1.91 -16.44 -10.08
CL CL E . 5.71 9.48 12.20
CL CL F . 12.92 -7.65 -10.08
C1 EDO G . 4.53 -24.30 -30.81
O1 EDO G . 5.80 -24.54 -30.22
C2 EDO G . 4.36 -22.80 -30.99
O2 EDO G . 4.43 -22.46 -32.38
C1 EDO H . -2.52 -12.75 16.16
O1 EDO H . -3.91 -12.96 16.36
C2 EDO H . -1.87 -13.04 17.51
O2 EDO H . -0.45 -13.19 17.33
C1 EDO I . 17.51 -4.61 -18.38
O1 EDO I . 16.27 -3.94 -18.68
C2 EDO I . 17.29 -5.71 -17.36
O2 EDO I . 16.38 -5.25 -16.34
C1 EDO J . 15.84 -16.04 -11.80
O1 EDO J . 15.62 -16.47 -13.14
C2 EDO J . 15.49 -17.18 -10.84
O2 EDO J . 14.98 -18.28 -11.63
C1 EDO K . 13.59 -32.97 -15.51
O1 EDO K . 14.11 -32.26 -14.38
C2 EDO K . 13.82 -32.20 -16.83
O2 EDO K . 14.55 -30.98 -16.62
N3 68B L . 3.09 11.80 12.61
C4 68B L . 3.46 12.50 13.79
C5 68B L . 2.57 13.17 14.59
C7 68B L . 4.26 13.78 15.96
C10 68B L . 1.92 11.32 10.57
C13 68B L . 1.61 9.75 8.33
C15 68B L . 2.15 9.98 10.65
O1 68B L . 1.34 13.16 11.88
C2 68B L . 2.08 12.18 11.75
N6 68B L . 2.94 13.84 15.69
N8 68B L . 5.22 13.15 15.27
C9 68B L . 4.78 12.51 14.18
C11 68B L . 1.53 11.89 9.37
C12 68B L . 1.38 11.11 8.25
C14 68B L . 2.00 9.19 9.53
N1 PLP M . 2.35 14.84 3.09
C2 PLP M . 2.13 13.51 3.31
C2A PLP M . 2.82 12.49 2.47
C3 PLP M . 1.19 13.09 4.36
O3 PLP M . 0.92 11.77 4.61
C4 PLP M . 0.51 14.13 5.16
C4A PLP M . -0.41 13.64 6.22
C5 PLP M . 0.84 15.56 4.84
C6 PLP M . 1.76 15.81 3.81
C5A PLP M . 0.29 16.78 5.58
O4P PLP M . -1.04 16.59 6.01
P PLP M . -1.73 17.55 7.11
O1P PLP M . -1.14 18.93 6.92
O2P PLP M . -3.15 17.43 6.66
O3P PLP M . -1.41 16.93 8.44
CL CL N . -8.30 -12.31 -7.77
CL CL O . -5.43 16.63 -4.85
C1 EDO P . -7.12 33.94 8.44
O1 EDO P . -6.59 33.52 9.69
C2 EDO P . -6.71 32.99 7.33
O2 EDO P . -7.84 32.64 6.54
C1 EDO Q . 6.93 37.33 7.57
O1 EDO Q . 6.16 38.53 7.51
C2 EDO Q . 8.40 37.58 7.29
O2 EDO Q . 8.52 38.28 6.04
C1 EDO R . -14.98 -6.53 14.03
O1 EDO R . -15.00 -7.79 14.71
C2 EDO R . -13.72 -5.81 14.44
O2 EDO R . -13.40 -6.11 15.79
C1 EDO S . -11.71 35.02 10.03
O1 EDO S . -10.84 35.01 11.19
C2 EDO S . -12.60 33.77 10.06
O2 EDO S . -12.76 33.30 11.41
C1 GOL T . 1.29 42.42 -2.13
O1 GOL T . 2.35 43.37 -2.30
C2 GOL T . 1.53 41.11 -2.90
O2 GOL T . 0.30 40.40 -3.00
C3 GOL T . 2.12 41.36 -4.29
O3 GOL T . 3.53 41.04 -4.31
#